data_4Q2K
#
_entry.id   4Q2K
#
_cell.length_a   45.610
_cell.length_b   109.340
_cell.length_c   89.070
_cell.angle_alpha   90.00
_cell.angle_beta   93.47
_cell.angle_gamma   90.00
#
_symmetry.space_group_name_H-M   'P 1 21 1'
#
loop_
_entity.id
_entity.type
_entity.pdbx_description
1 polymer 'Chymotrypsinogen A'
2 non-polymer (11S)-4,9-dioxo-N-[(2S)-1-oxo-3-phenylpropan-2-yl]-17,22-dioxa-10,30-diazatetracyclo[21.2.2.2~13,16~.1~5,8~]triaconta-1(25),5,7,13,15,23,26,28-octaene-11-carboxamide
3 water water
#
_entity_poly.entity_id   1
_entity_poly.type   'polypeptide(L)'
_entity_poly.pdbx_seq_one_letter_code
;CGVPAIQPVLSGLSRIVNGEEAVPGSWPWQVSLQDKTGFHFCGGSLINENWVVTAAHCGVTTSDVVVAGEFDQGSSSEKI
QKLKIAKVFKNSKYNSLTINNDITLLKLSTAASFSQTVSAVCLPSASDDFAAGTTCVTTGWGLTRYTNANTPDRLQQASL
PLLSNTNCKKYWGTKIKDAMICAGASGVSSCMGDSGGPLVCKKNGAWTLVGIVSWGSSTCSTSTPGVYARVTALVNWVQQ
TLAAN
;
_entity_poly.pdbx_strand_id   A,B,C,D
#
# COMPACT_ATOMS: atom_id res chain seq x y z
N CYS A 1 26.84 -10.35 -26.01
CA CYS A 1 25.71 -9.91 -25.20
C CYS A 1 24.45 -9.78 -26.06
N GLY A 2 23.31 -9.52 -25.43
CA GLY A 2 22.08 -9.28 -26.17
C GLY A 2 21.68 -10.43 -27.08
N VAL A 3 22.25 -11.60 -26.87
CA VAL A 3 21.86 -12.79 -27.63
C VAL A 3 21.65 -13.95 -26.66
N PRO A 4 20.44 -14.04 -26.11
CA PRO A 4 20.06 -15.09 -25.16
C PRO A 4 20.22 -16.49 -25.75
N ALA A 5 20.85 -17.38 -24.96
CA ALA A 5 21.03 -18.76 -25.37
C ALA A 5 19.67 -19.38 -25.68
N ILE A 6 18.72 -19.20 -24.76
CA ILE A 6 17.33 -19.56 -24.97
C ILE A 6 16.63 -18.39 -25.67
N GLN A 7 16.22 -18.60 -26.92
CA GLN A 7 15.70 -17.51 -27.72
C GLN A 7 14.30 -17.00 -27.33
N PRO A 8 14.15 -15.68 -27.15
CA PRO A 8 12.82 -15.14 -26.81
C PRO A 8 11.76 -15.37 -27.89
N VAL A 9 10.54 -15.68 -27.44
CA VAL A 9 9.40 -15.79 -28.35
C VAL A 9 8.45 -14.64 -28.10
N LEU A 10 8.23 -13.84 -29.12
CA LEU A 10 7.32 -12.71 -29.00
C LEU A 10 6.06 -12.91 -29.82
N ILE A 16 4.17 -5.92 -15.24
CA ILE A 16 3.71 -5.55 -16.58
C ILE A 16 2.27 -5.96 -16.80
N VAL A 17 1.41 -4.98 -17.09
CA VAL A 17 0.01 -5.26 -17.36
C VAL A 17 -0.23 -5.61 -18.84
N ASN A 18 -1.01 -6.66 -19.07
CA ASN A 18 -1.36 -7.13 -20.41
C ASN A 18 -0.13 -7.49 -21.25
N GLY A 19 0.87 -8.09 -20.60
CA GLY A 19 1.97 -8.68 -21.33
C GLY A 19 1.72 -10.16 -21.48
N GLU A 20 2.79 -10.93 -21.48
CA GLU A 20 2.67 -12.37 -21.61
C GLU A 20 3.80 -13.05 -20.87
N GLU A 21 3.62 -14.32 -20.59
CA GLU A 21 4.65 -15.08 -19.90
C GLU A 21 5.80 -15.27 -20.87
N ALA A 22 7.01 -14.96 -20.42
CA ALA A 22 8.20 -15.13 -21.24
C ALA A 22 8.72 -16.56 -21.17
N VAL A 23 9.38 -16.99 -22.24
CA VAL A 23 10.02 -18.31 -22.23
C VAL A 23 11.08 -18.37 -21.12
N PRO A 24 11.04 -19.42 -20.28
CA PRO A 24 12.00 -19.53 -19.17
C PRO A 24 13.48 -19.32 -19.54
N GLY A 25 14.15 -18.39 -18.88
CA GLY A 25 15.58 -18.16 -19.06
C GLY A 25 15.96 -17.35 -20.29
N SER A 26 14.94 -16.85 -21.00
CA SER A 26 15.14 -16.19 -22.29
C SER A 26 15.41 -14.68 -22.20
N TRP A 27 15.43 -14.13 -20.99
CA TRP A 27 15.90 -12.77 -20.76
C TRP A 27 16.98 -12.86 -19.68
N PRO A 28 18.14 -13.42 -20.03
CA PRO A 28 19.13 -13.86 -19.04
C PRO A 28 19.82 -12.74 -18.27
N TRP A 29 19.68 -11.49 -18.73
CA TRP A 29 20.27 -10.33 -18.02
C TRP A 29 19.31 -9.82 -16.96
N GLN A 30 18.05 -10.20 -17.10
CA GLN A 30 17.03 -9.76 -16.16
C GLN A 30 17.31 -10.38 -14.81
N VAL A 31 17.45 -9.53 -13.78
CA VAL A 31 17.64 -10.00 -12.42
C VAL A 31 16.52 -9.47 -11.56
N SER A 32 16.19 -10.21 -10.51
CA SER A 32 15.27 -9.71 -9.52
C SER A 32 16.05 -9.00 -8.44
N LEU A 33 15.58 -7.84 -7.99
CA LEU A 33 16.15 -7.25 -6.79
C LEU A 33 15.26 -7.57 -5.61
N GLN A 34 15.80 -8.30 -4.63
CA GLN A 34 15.05 -8.76 -3.48
C GLN A 34 15.69 -8.29 -2.17
N ASP A 35 14.87 -7.83 -1.23
CA ASP A 35 15.36 -7.42 0.08
C ASP A 35 15.80 -8.62 0.93
N LYS A 36 16.31 -8.31 2.12
CA LYS A 36 16.82 -9.32 3.04
C LYS A 36 15.78 -10.35 3.43
N THR A 37 14.50 -10.03 3.22
CA THR A 37 13.46 -11.01 3.48
C THR A 37 13.25 -11.84 2.24
N GLY A 38 13.79 -11.37 1.11
CA GLY A 38 13.66 -12.12 -0.13
C GLY A 38 12.50 -11.63 -0.97
N PHE A 39 11.92 -10.52 -0.56
CA PHE A 39 10.79 -9.92 -1.27
C PHE A 39 11.24 -9.19 -2.54
N HIS A 40 10.59 -9.46 -3.67
CA HIS A 40 10.94 -8.78 -4.93
C HIS A 40 10.46 -7.33 -4.99
N PHE A 41 11.40 -6.38 -5.09
CA PHE A 41 11.00 -4.97 -5.06
C PHE A 41 11.30 -4.19 -6.34
N CYS A 42 12.22 -4.71 -7.15
CA CYS A 42 12.61 -4.02 -8.38
C CYS A 42 13.33 -4.97 -9.30
N GLY A 43 13.45 -4.56 -10.55
CA GLY A 43 14.19 -5.29 -11.56
C GLY A 43 15.56 -4.68 -11.76
N GLY A 44 16.34 -5.26 -12.66
CA GLY A 44 17.66 -4.77 -12.98
C GLY A 44 18.20 -5.53 -14.18
N SER A 45 19.37 -5.12 -14.68
CA SER A 45 19.97 -5.75 -15.87
C SER A 45 21.46 -5.98 -15.69
N LEU A 46 21.87 -7.23 -15.83
CA LEU A 46 23.27 -7.61 -15.84
C LEU A 46 23.92 -6.99 -17.07
N ILE A 47 24.93 -6.14 -16.88
CA ILE A 47 25.66 -5.62 -18.04
C ILE A 47 27.02 -6.28 -18.17
N ASN A 48 27.47 -6.91 -17.10
CA ASN A 48 28.55 -7.89 -17.23
C ASN A 48 28.45 -8.80 -16.05
N GLU A 49 29.45 -9.64 -15.84
CA GLU A 49 29.39 -10.55 -14.69
C GLU A 49 29.51 -9.84 -13.33
N ASN A 50 29.92 -8.56 -13.34
CA ASN A 50 30.23 -7.86 -12.09
C ASN A 50 29.30 -6.70 -11.79
N TRP A 51 28.51 -6.29 -12.77
CA TRP A 51 27.67 -5.09 -12.63
C TRP A 51 26.21 -5.25 -13.06
N VAL A 52 25.31 -4.69 -12.24
CA VAL A 52 23.91 -4.60 -12.62
C VAL A 52 23.44 -3.16 -12.70
N VAL A 53 22.77 -2.79 -13.78
CA VAL A 53 22.15 -1.47 -13.84
C VAL A 53 20.68 -1.56 -13.45
N THR A 54 20.24 -0.63 -12.61
CA THR A 54 18.88 -0.58 -12.15
C THR A 54 18.47 0.86 -11.86
N ALA A 55 17.29 1.05 -11.30
CA ALA A 55 16.76 2.39 -11.08
C ALA A 55 17.20 3.00 -9.75
N ALA A 56 17.43 4.31 -9.74
CA ALA A 56 17.84 4.99 -8.52
C ALA A 56 16.71 4.97 -7.50
N HIS A 57 15.48 5.16 -7.98
CA HIS A 57 14.31 5.23 -7.11
C HIS A 57 14.01 3.89 -6.43
N CYS A 58 14.69 2.84 -6.84
CA CYS A 58 14.55 1.54 -6.20
C CYS A 58 15.24 1.49 -4.84
N GLY A 59 16.03 2.52 -4.54
CA GLY A 59 16.68 2.64 -3.25
C GLY A 59 17.49 1.44 -2.84
N VAL A 60 18.20 0.85 -3.80
CA VAL A 60 18.99 -0.34 -3.51
C VAL A 60 20.15 -0.11 -2.56
N THR A 61 20.27 -0.97 -1.55
CA THR A 61 21.45 -0.97 -0.71
C THR A 61 22.12 -2.35 -0.69
N THR A 62 23.21 -2.47 0.07
CA THR A 62 24.02 -3.69 0.08
C THR A 62 23.33 -4.80 0.88
N SER A 63 22.30 -4.42 1.61
CA SER A 63 21.45 -5.40 2.29
C SER A 63 20.50 -6.05 1.33
N ASP A 64 20.38 -5.50 0.12
CA ASP A 64 19.50 -6.11 -0.87
C ASP A 64 20.30 -7.12 -1.66
N VAL A 65 19.61 -7.84 -2.54
CA VAL A 65 20.24 -8.96 -3.22
C VAL A 65 19.83 -9.04 -4.68
N VAL A 66 20.81 -9.33 -5.54
CA VAL A 66 20.57 -9.55 -6.96
C VAL A 66 20.36 -11.03 -7.24
N VAL A 67 19.25 -11.38 -7.89
CA VAL A 67 18.96 -12.77 -8.17
C VAL A 67 18.97 -13.00 -9.67
N ALA A 68 19.90 -13.84 -10.12
CA ALA A 68 20.01 -14.12 -11.53
C ALA A 68 19.51 -15.52 -11.81
N GLY A 69 19.04 -15.75 -13.04
CA GLY A 69 18.67 -17.08 -13.46
C GLY A 69 17.34 -17.51 -12.91
N GLU A 70 16.51 -16.54 -12.54
CA GLU A 70 15.14 -16.81 -12.10
C GLU A 70 14.15 -16.62 -13.22
N PHE A 71 13.17 -17.51 -13.31
CA PHE A 71 12.02 -17.27 -14.15
C PHE A 71 10.77 -17.23 -13.28
N ASP A 72 10.55 -18.29 -12.52
CA ASP A 72 9.38 -18.46 -11.67
C ASP A 72 9.81 -18.39 -10.21
N GLN A 73 9.48 -17.29 -9.56
CA GLN A 73 9.84 -17.07 -8.15
C GLN A 73 9.00 -17.96 -7.22
N GLY A 74 8.01 -18.65 -7.77
CA GLY A 74 7.23 -19.59 -7.00
C GLY A 74 7.79 -20.99 -7.17
N SER A 75 8.85 -21.07 -7.97
CA SER A 75 9.58 -22.31 -8.19
C SER A 75 10.88 -22.26 -7.41
N SER A 76 11.39 -23.42 -7.01
CA SER A 76 12.64 -23.50 -6.25
C SER A 76 13.62 -24.44 -6.95
N SER A 77 13.13 -25.10 -7.99
CA SER A 77 13.90 -26.06 -8.75
C SER A 77 14.83 -25.38 -9.77
N GLU A 78 14.80 -24.05 -9.80
CA GLU A 78 15.65 -23.32 -10.73
C GLU A 78 17.02 -23.14 -10.11
N LYS A 79 18.06 -23.36 -10.92
CA LYS A 79 19.42 -23.08 -10.48
C LYS A 79 19.70 -21.58 -10.51
N ILE A 80 19.31 -20.90 -9.42
CA ILE A 80 19.45 -19.46 -9.34
C ILE A 80 20.70 -19.06 -8.56
N GLN A 81 21.17 -17.85 -8.81
CA GLN A 81 22.29 -17.31 -8.05
C GLN A 81 21.81 -16.09 -7.31
N LYS A 82 21.93 -16.14 -6.00
CA LYS A 82 21.61 -15.00 -5.16
C LYS A 82 22.95 -14.30 -4.91
N LEU A 83 23.13 -13.13 -5.53
CA LEU A 83 24.40 -12.42 -5.54
C LEU A 83 24.42 -11.21 -4.61
N LYS A 84 25.31 -11.23 -3.64
CA LYS A 84 25.54 -10.10 -2.75
C LYS A 84 25.99 -8.85 -3.52
N ILE A 85 25.53 -7.68 -3.06
CA ILE A 85 25.96 -6.41 -3.63
C ILE A 85 27.09 -5.82 -2.81
N ALA A 86 28.18 -5.43 -3.47
CA ALA A 86 29.34 -4.84 -2.79
C ALA A 86 29.21 -3.33 -2.60
N LYS A 87 28.92 -2.60 -3.68
CA LYS A 87 28.76 -1.16 -3.62
C LYS A 87 27.68 -0.69 -4.58
N VAL A 88 27.02 0.40 -4.19
CA VAL A 88 25.92 0.95 -4.98
C VAL A 88 26.41 2.31 -5.47
N PHE A 89 26.41 2.49 -6.78
CA PHE A 89 26.89 3.75 -7.32
C PHE A 89 25.71 4.51 -7.88
N LYS A 90 25.45 5.67 -7.32
CA LYS A 90 24.35 6.49 -7.80
C LYS A 90 24.85 7.59 -8.73
N ASN A 91 24.09 7.78 -9.80
CA ASN A 91 24.25 8.90 -10.70
C ASN A 91 23.86 10.16 -9.93
N SER A 92 24.78 11.09 -9.84
CA SER A 92 24.54 12.28 -9.04
C SER A 92 23.73 13.27 -9.87
N LYS A 93 22.83 13.99 -9.21
CA LYS A 93 21.84 14.85 -9.88
C LYS A 93 20.99 14.06 -10.87
N ASN A 101 18.61 11.73 -12.95
CA ASN A 101 18.51 10.51 -13.75
C ASN A 101 18.34 9.28 -12.86
N ASP A 102 17.25 8.55 -13.13
CA ASP A 102 16.81 7.43 -12.29
C ASP A 102 17.58 6.16 -12.63
N ILE A 103 18.86 6.17 -12.30
CA ILE A 103 19.75 5.08 -12.58
C ILE A 103 20.70 4.91 -11.41
N THR A 104 21.02 3.65 -11.15
CA THR A 104 21.97 3.26 -10.16
C THR A 104 22.70 2.04 -10.68
N LEU A 105 23.98 1.92 -10.34
CA LEU A 105 24.75 0.75 -10.73
C LEU A 105 25.06 -0.04 -9.48
N LEU A 106 24.99 -1.36 -9.61
CA LEU A 106 25.34 -2.24 -8.50
C LEU A 106 26.58 -3.01 -8.90
N LYS A 107 27.58 -2.99 -8.03
CA LYS A 107 28.72 -3.86 -8.21
C LYS A 107 28.59 -5.00 -7.23
N LEU A 108 28.81 -6.21 -7.73
CA LEU A 108 28.53 -7.44 -6.99
C LEU A 108 29.74 -7.90 -6.20
N SER A 109 29.49 -8.47 -5.02
CA SER A 109 30.54 -9.00 -4.17
C SER A 109 31.28 -10.16 -4.83
N THR A 110 30.51 -11.04 -5.46
CA THR A 110 31.11 -12.14 -6.21
C THR A 110 30.61 -12.05 -7.65
N ALA A 111 31.48 -12.37 -8.61
CA ALA A 111 31.09 -12.36 -10.01
C ALA A 111 29.91 -13.30 -10.23
N ALA A 112 29.05 -12.95 -11.18
CA ALA A 112 27.92 -13.78 -11.58
C ALA A 112 28.36 -14.81 -12.61
N SER A 113 28.04 -16.07 -12.34
CA SER A 113 28.40 -17.15 -13.23
C SER A 113 27.49 -17.13 -14.44
N PHE A 114 28.08 -17.03 -15.62
CA PHE A 114 27.28 -16.95 -16.82
C PHE A 114 26.92 -18.33 -17.37
N SER A 115 25.75 -18.44 -17.99
CA SER A 115 25.26 -19.74 -18.46
C SER A 115 24.18 -19.53 -19.48
N GLN A 116 23.41 -20.56 -19.74
CA GLN A 116 22.30 -20.43 -20.69
C GLN A 116 21.29 -19.42 -20.16
N THR A 117 21.07 -19.42 -18.87
CA THR A 117 20.05 -18.53 -18.30
C THR A 117 20.63 -17.27 -17.65
N VAL A 118 21.95 -17.18 -17.53
CA VAL A 118 22.55 -15.97 -16.96
C VAL A 118 23.63 -15.37 -17.85
N SER A 119 23.36 -14.19 -18.40
CA SER A 119 24.34 -13.52 -19.24
C SER A 119 24.02 -12.04 -19.34
N ALA A 120 24.75 -11.30 -20.16
CA ALA A 120 24.62 -9.84 -20.12
C ALA A 120 23.92 -9.25 -21.33
N VAL A 121 23.16 -8.19 -21.08
CA VAL A 121 22.55 -7.39 -22.13
C VAL A 121 23.61 -6.44 -22.73
N CYS A 122 23.43 -6.01 -23.98
CA CYS A 122 24.36 -5.08 -24.63
C CYS A 122 24.09 -3.62 -24.22
N LEU A 123 25.11 -2.79 -24.31
CA LEU A 123 24.96 -1.38 -23.96
C LEU A 123 25.06 -0.52 -25.21
N PRO A 124 24.22 0.53 -25.31
CA PRO A 124 24.28 1.36 -26.52
C PRO A 124 25.51 2.23 -26.55
N SER A 125 25.78 2.81 -27.72
CA SER A 125 26.69 3.93 -27.84
C SER A 125 25.86 5.18 -27.62
N ALA A 126 26.46 6.23 -27.07
CA ALA A 126 25.68 7.40 -26.68
C ALA A 126 25.00 8.05 -27.86
N SER A 127 25.60 7.91 -29.04
CA SER A 127 25.10 8.54 -30.26
C SER A 127 24.05 7.69 -30.96
N ASP A 128 23.75 6.53 -30.39
CA ASP A 128 22.83 5.59 -31.04
C ASP A 128 21.43 6.19 -31.27
N ASP A 129 20.87 5.93 -32.45
CA ASP A 129 19.51 6.35 -32.74
C ASP A 129 18.55 5.18 -32.65
N PHE A 130 17.63 5.24 -31.68
CA PHE A 130 16.50 4.33 -31.61
C PHE A 130 15.28 5.18 -31.83
N ALA A 131 14.78 5.16 -33.07
CA ALA A 131 13.75 6.11 -33.47
C ALA A 131 12.40 5.73 -32.89
N ALA A 132 11.51 6.71 -32.76
CA ALA A 132 10.15 6.47 -32.33
C ALA A 132 9.47 5.51 -33.31
N GLY A 133 8.68 4.58 -32.79
CA GLY A 133 7.97 3.64 -33.63
C GLY A 133 8.67 2.29 -33.67
N THR A 134 9.86 2.25 -33.08
CA THR A 134 10.60 1.00 -32.98
C THR A 134 9.87 0.06 -32.03
N THR A 135 9.80 -1.22 -32.38
CA THR A 135 9.20 -2.18 -31.45
C THR A 135 10.26 -2.75 -30.55
N CYS A 136 10.13 -2.49 -29.26
CA CYS A 136 11.12 -2.92 -28.30
C CYS A 136 10.44 -3.85 -27.30
N VAL A 137 11.19 -4.29 -26.29
CA VAL A 137 10.60 -5.11 -25.25
C VAL A 137 10.94 -4.57 -23.88
N THR A 138 10.01 -4.67 -22.94
CA THR A 138 10.32 -4.53 -21.53
C THR A 138 9.93 -5.84 -20.84
N THR A 139 10.59 -6.13 -19.73
CA THR A 139 10.38 -7.38 -19.03
C THR A 139 10.36 -7.11 -17.53
N GLY A 140 9.85 -8.07 -16.75
CA GLY A 140 9.78 -7.91 -15.32
C GLY A 140 8.73 -8.74 -14.59
N TRP A 141 8.85 -8.77 -13.27
CA TRP A 141 7.90 -9.45 -12.40
C TRP A 141 6.96 -8.44 -11.74
N GLY A 142 6.77 -7.27 -12.37
CA GLY A 142 5.90 -6.25 -11.82
C GLY A 142 4.41 -6.60 -11.99
N LEU A 143 3.53 -5.85 -11.33
CA LEU A 143 2.11 -6.19 -11.34
C LEU A 143 1.57 -6.43 -12.75
N THR A 144 0.84 -7.53 -12.88
CA THR A 144 0.13 -7.80 -14.11
C THR A 144 -1.25 -7.16 -14.04
N ARG A 145 -1.63 -6.68 -12.87
CA ARG A 145 -2.87 -5.93 -12.75
C ARG A 145 -2.73 -4.91 -11.64
N TYR A 146 -3.23 -3.70 -11.89
CA TYR A 146 -3.20 -2.68 -10.86
C TYR A 146 -4.22 -3.02 -9.77
N ALA A 149 -2.85 -10.25 -4.18
CA ALA A 149 -1.82 -9.49 -4.87
C ALA A 149 -1.81 -9.88 -6.33
N ASN A 150 -1.67 -8.91 -7.22
CA ASN A 150 -1.69 -9.22 -8.65
C ASN A 150 -0.30 -9.35 -9.25
N THR A 151 0.64 -9.88 -8.49
CA THR A 151 2.00 -10.06 -8.99
C THR A 151 2.28 -11.50 -9.47
N PRO A 152 2.99 -11.63 -10.61
CA PRO A 152 3.23 -12.95 -11.18
C PRO A 152 4.42 -13.66 -10.54
N ASP A 153 4.31 -14.98 -10.40
CA ASP A 153 5.46 -15.77 -9.98
C ASP A 153 6.49 -15.76 -11.11
N ARG A 154 5.98 -15.72 -12.34
CA ARG A 154 6.82 -15.96 -13.51
C ARG A 154 7.05 -14.70 -14.33
N LEU A 155 8.29 -14.52 -14.76
CA LEU A 155 8.73 -13.38 -15.60
C LEU A 155 7.78 -13.03 -16.74
N GLN A 156 7.51 -11.73 -16.87
CA GLN A 156 6.63 -11.23 -17.94
C GLN A 156 7.40 -10.44 -18.97
N GLN A 157 6.91 -10.45 -20.20
CA GLN A 157 7.50 -9.66 -21.27
C GLN A 157 6.40 -8.98 -22.04
N ALA A 158 6.73 -7.87 -22.68
CA ALA A 158 5.77 -7.17 -23.51
C ALA A 158 6.46 -6.40 -24.60
N SER A 159 5.93 -6.51 -25.83
CA SER A 159 6.42 -5.72 -26.95
C SER A 159 5.68 -4.39 -26.98
N LEU A 160 6.39 -3.32 -27.32
CA LEU A 160 5.80 -1.98 -27.25
C LEU A 160 6.61 -0.95 -28.02
N PRO A 161 5.94 0.08 -28.54
CA PRO A 161 6.65 1.01 -29.42
C PRO A 161 7.28 2.15 -28.63
N LEU A 162 8.50 2.53 -29.03
CA LEU A 162 9.12 3.74 -28.51
C LEU A 162 8.30 4.90 -28.98
N LEU A 163 8.10 5.88 -28.10
CA LEU A 163 7.49 7.14 -28.49
C LEU A 163 8.57 8.18 -28.67
N SER A 164 8.26 9.22 -29.45
CA SER A 164 9.12 10.39 -29.48
C SER A 164 8.84 11.13 -28.20
N ASN A 165 9.76 11.98 -27.78
CA ASN A 165 9.53 12.78 -26.59
C ASN A 165 8.41 13.78 -26.78
N THR A 166 8.30 14.34 -27.98
CA THR A 166 7.23 15.30 -28.25
C THR A 166 5.84 14.68 -28.19
N ASN A 167 5.69 13.42 -28.62
CA ASN A 167 4.41 12.73 -28.45
C ASN A 167 4.17 12.41 -26.99
N CYS A 168 5.23 11.98 -26.32
CA CYS A 168 5.16 11.68 -24.90
C CYS A 168 4.70 12.86 -24.04
N LYS A 169 5.14 14.06 -24.40
CA LYS A 169 4.76 15.27 -23.67
C LYS A 169 3.28 15.61 -23.84
N LYS A 170 2.65 15.06 -24.86
CA LYS A 170 1.19 15.15 -24.96
C LYS A 170 0.51 14.53 -23.74
N TYR A 171 1.15 13.51 -23.15
CA TYR A 171 0.64 12.87 -21.94
C TYR A 171 1.27 13.44 -20.65
N TRP A 172 2.58 13.67 -20.67
CA TRP A 172 3.29 14.01 -19.44
C TRP A 172 3.84 15.41 -19.34
N GLY A 173 3.67 16.20 -20.40
CA GLY A 173 4.15 17.57 -20.45
C GLY A 173 5.60 17.78 -20.03
N THR A 174 5.80 18.71 -19.11
CA THR A 174 7.15 19.12 -18.75
C THR A 174 7.89 18.13 -17.84
N LYS A 175 7.21 17.09 -17.35
CA LYS A 175 7.88 16.05 -16.56
C LYS A 175 8.88 15.27 -17.41
N ILE A 176 8.69 15.33 -18.72
CA ILE A 176 9.55 14.60 -19.66
C ILE A 176 10.84 15.34 -19.97
N LYS A 177 11.96 14.83 -19.47
CA LYS A 177 13.26 15.47 -19.72
C LYS A 177 13.98 14.75 -20.85
N ASP A 178 15.04 15.37 -21.39
CA ASP A 178 15.73 14.81 -22.54
C ASP A 178 16.35 13.48 -22.17
N ALA A 179 16.63 13.31 -20.89
CA ALA A 179 17.27 12.10 -20.38
C ALA A 179 16.26 10.98 -20.11
N MET A 180 15.03 11.16 -20.60
CA MET A 180 13.99 10.14 -20.50
C MET A 180 13.55 9.68 -21.87
N ILE A 181 13.08 8.44 -21.94
CA ILE A 181 12.44 7.94 -23.15
C ILE A 181 11.13 7.25 -22.78
N CYS A 182 10.09 7.50 -23.58
CA CYS A 182 8.78 6.92 -23.31
C CYS A 182 8.47 5.76 -24.25
N ALA A 183 7.71 4.79 -23.74
CA ALA A 183 7.34 3.59 -24.50
C ALA A 183 5.96 3.10 -24.06
N GLY A 184 5.22 2.46 -24.96
CA GLY A 184 3.91 1.94 -24.60
C GLY A 184 2.74 2.82 -25.03
N ALA A 185 1.78 2.99 -24.14
CA ALA A 185 0.52 3.67 -24.44
C ALA A 185 -0.11 2.93 -25.60
N SER A 186 0.07 1.61 -25.58
CA SER A 186 -0.19 0.78 -26.73
C SER A 186 -0.83 -0.54 -26.30
N GLY A 187 -1.47 -0.54 -25.13
CA GLY A 187 -2.22 -1.71 -24.70
C GLY A 187 -1.47 -2.56 -23.70
N VAL A 188 -0.23 -2.17 -23.42
CA VAL A 188 0.52 -2.79 -22.35
C VAL A 188 0.99 -1.69 -21.43
N SER A 189 1.51 -2.07 -20.26
CA SER A 189 2.14 -1.11 -19.37
C SER A 189 3.07 -1.76 -18.36
N SER A 190 4.25 -1.17 -18.19
CA SER A 190 5.08 -1.48 -17.04
C SER A 190 4.28 -1.13 -15.79
N CYS A 191 4.65 -1.70 -14.67
CA CYS A 191 3.86 -1.48 -13.48
C CYS A 191 4.73 -1.61 -12.23
N MET A 192 4.12 -1.42 -11.06
CA MET A 192 4.85 -1.53 -9.81
C MET A 192 5.58 -2.87 -9.71
N GLY A 193 6.87 -2.81 -9.39
CA GLY A 193 7.73 -3.98 -9.35
C GLY A 193 8.61 -4.13 -10.58
N ASP A 194 8.27 -3.42 -11.67
CA ASP A 194 9.09 -3.46 -12.89
C ASP A 194 10.29 -2.51 -12.84
N SER A 195 10.18 -1.47 -12.02
CA SER A 195 11.22 -0.45 -11.90
C SER A 195 12.63 -1.02 -11.87
N GLY A 196 13.55 -0.33 -12.55
CA GLY A 196 14.94 -0.75 -12.59
C GLY A 196 15.24 -1.77 -13.66
N GLY A 197 14.22 -2.48 -14.15
CA GLY A 197 14.43 -3.50 -15.14
C GLY A 197 14.58 -2.92 -16.54
N PRO A 198 14.73 -3.79 -17.55
CA PRO A 198 15.12 -3.33 -18.90
C PRO A 198 13.98 -2.89 -19.82
N LEU A 199 14.31 -1.91 -20.66
CA LEU A 199 13.61 -1.68 -21.90
C LEU A 199 14.67 -1.94 -22.99
N VAL A 200 14.56 -3.07 -23.69
CA VAL A 200 15.56 -3.47 -24.68
C VAL A 200 15.06 -3.40 -26.12
N CYS A 201 15.99 -3.10 -27.02
CA CYS A 201 15.74 -3.07 -28.47
C CYS A 201 16.85 -3.81 -29.20
N LYS A 202 16.51 -4.43 -30.33
CA LYS A 202 17.37 -5.39 -31.04
C LYS A 202 18.19 -4.71 -32.12
N LYS A 203 19.33 -4.14 -31.74
CA LYS A 203 20.20 -3.45 -32.70
C LYS A 203 21.30 -4.37 -33.25
N ASN A 204 21.44 -4.40 -34.57
CA ASN A 204 22.30 -5.41 -35.23
C ASN A 204 22.05 -6.83 -34.69
N GLY A 205 20.77 -7.20 -34.56
CA GLY A 205 20.40 -8.53 -34.11
C GLY A 205 20.53 -8.79 -32.61
N ALA A 206 21.17 -7.86 -31.90
CA ALA A 206 21.43 -8.02 -30.47
C ALA A 206 20.55 -7.12 -29.60
N TRP A 207 20.06 -7.67 -28.49
CA TRP A 207 19.30 -6.90 -27.52
C TRP A 207 20.18 -5.92 -26.75
N THR A 208 19.79 -4.66 -26.82
CA THR A 208 20.57 -3.58 -26.28
C THR A 208 19.71 -2.72 -25.35
N LEU A 209 20.19 -2.55 -24.12
CA LEU A 209 19.46 -1.80 -23.11
C LEU A 209 19.26 -0.34 -23.55
N VAL A 210 18.03 0.01 -23.88
CA VAL A 210 17.71 1.34 -24.36
C VAL A 210 17.03 2.16 -23.25
N GLY A 211 16.25 1.48 -22.41
CA GLY A 211 15.56 2.14 -21.31
C GLY A 211 15.65 1.36 -20.01
N ILE A 212 15.54 2.08 -18.91
CA ILE A 212 15.41 1.48 -17.58
C ILE A 212 14.04 1.87 -17.09
N VAL A 213 13.24 0.87 -16.72
CA VAL A 213 11.88 1.12 -16.25
C VAL A 213 11.95 2.11 -15.08
N SER A 214 11.22 3.21 -15.20
CA SER A 214 11.34 4.27 -14.22
C SER A 214 10.00 4.66 -13.63
N TRP A 215 9.11 5.22 -14.44
CA TRP A 215 7.82 5.65 -13.92
C TRP A 215 6.74 5.71 -14.99
N GLY A 216 5.58 6.24 -14.61
CA GLY A 216 4.47 6.35 -15.54
C GLY A 216 3.14 6.39 -14.80
N SER A 217 2.08 5.93 -15.48
CA SER A 217 0.72 5.97 -14.94
C SER A 217 0.61 5.38 -13.55
N SER A 218 0.02 6.14 -12.64
CA SER A 218 -0.19 5.68 -11.28
C SER A 218 -1.09 4.44 -11.18
N THR A 219 -1.97 4.24 -12.17
CA THR A 219 -2.82 3.04 -12.25
C THR A 219 -2.38 2.04 -13.33
N CYS A 220 -1.17 2.23 -13.87
CA CYS A 220 -0.61 1.39 -14.93
C CYS A 220 -1.50 1.32 -16.15
N SER A 221 -2.01 2.48 -16.55
CA SER A 221 -2.85 2.62 -17.73
C SER A 221 -2.11 2.21 -18.99
N THR A 222 -2.70 1.27 -19.71
CA THR A 222 -2.13 0.82 -20.98
C THR A 222 -2.35 1.81 -22.11
N SER A 223 -3.06 2.91 -21.84
CA SER A 223 -3.14 3.98 -22.82
C SER A 223 -2.28 5.17 -22.42
N THR A 224 -1.41 4.97 -21.42
CA THR A 224 -0.47 6.02 -21.01
C THR A 224 0.94 5.51 -21.24
N PRO A 225 1.81 6.32 -21.88
CA PRO A 225 3.18 5.87 -22.10
C PRO A 225 3.92 5.70 -20.79
N GLY A 226 4.72 4.64 -20.69
CA GLY A 226 5.63 4.51 -19.57
C GLY A 226 6.80 5.44 -19.78
N VAL A 227 7.49 5.79 -18.70
CA VAL A 227 8.67 6.64 -18.81
C VAL A 227 9.90 5.89 -18.34
N TYR A 228 10.94 5.91 -19.16
CA TYR A 228 12.14 5.13 -18.94
C TYR A 228 13.36 6.04 -18.97
N ALA A 229 14.34 5.73 -18.13
CA ALA A 229 15.59 6.45 -18.21
C ALA A 229 16.21 6.14 -19.57
N ARG A 230 16.49 7.18 -20.34
CA ARG A 230 17.14 7.03 -21.65
C ARG A 230 18.62 6.63 -21.54
N VAL A 231 18.89 5.33 -21.57
CA VAL A 231 20.26 4.83 -21.44
C VAL A 231 21.36 5.52 -22.32
N THR A 232 21.03 5.99 -23.51
CA THR A 232 22.01 6.71 -24.33
C THR A 232 22.61 7.93 -23.61
N ALA A 233 21.78 8.69 -22.88
CA ALA A 233 22.26 9.87 -22.16
C ALA A 233 22.97 9.53 -20.86
N LEU A 234 23.07 8.25 -20.54
CA LEU A 234 23.53 7.85 -19.22
C LEU A 234 24.71 6.91 -19.29
N VAL A 235 24.89 6.32 -20.48
CA VAL A 235 25.82 5.21 -20.64
C VAL A 235 27.29 5.66 -20.54
N ASN A 236 27.57 6.92 -20.88
CA ASN A 236 28.92 7.46 -20.66
C ASN A 236 29.28 7.43 -19.18
N TRP A 237 28.36 7.90 -18.34
CA TRP A 237 28.51 7.76 -16.91
C TRP A 237 28.62 6.31 -16.47
N VAL A 238 27.90 5.41 -17.14
CA VAL A 238 27.95 4.00 -16.78
C VAL A 238 29.34 3.42 -17.05
N GLN A 239 29.81 3.61 -18.27
CA GLN A 239 31.07 3.02 -18.67
C GLN A 239 32.23 3.72 -17.96
N GLN A 240 32.04 4.99 -17.60
CA GLN A 240 33.06 5.74 -16.85
C GLN A 240 33.17 5.24 -15.42
N THR A 241 32.03 5.07 -14.76
CA THR A 241 32.02 4.44 -13.44
C THR A 241 32.67 3.06 -13.47
N LEU A 242 32.39 2.27 -14.51
CA LEU A 242 32.94 0.93 -14.58
C LEU A 242 34.48 0.92 -14.66
N ALA A 243 35.04 1.73 -15.53
CA ALA A 243 36.48 1.70 -15.75
C ALA A 243 37.22 2.29 -14.55
N ALA A 244 36.59 3.25 -13.88
CA ALA A 244 37.17 3.88 -12.72
C ALA A 244 37.07 3.01 -11.49
N ASN A 245 36.22 1.98 -11.53
CA ASN A 245 35.90 1.27 -10.29
C ASN A 245 36.13 -0.24 -10.29
N CYS B 1 34.77 12.62 22.78
CA CYS B 1 33.48 12.31 22.19
C CYS B 1 33.43 12.80 20.74
N GLY B 2 32.57 12.20 19.93
CA GLY B 2 32.23 12.73 18.62
C GLY B 2 33.36 12.65 17.63
N VAL B 3 34.35 11.83 17.94
CA VAL B 3 35.45 11.60 17.01
C VAL B 3 35.57 10.10 16.80
N PRO B 4 35.00 9.63 15.68
CA PRO B 4 34.99 8.18 15.41
C PRO B 4 36.38 7.64 15.11
N ALA B 5 36.72 6.47 15.66
CA ALA B 5 38.02 5.86 15.40
C ALA B 5 38.18 5.57 13.91
N ILE B 6 37.08 5.13 13.32
CA ILE B 6 37.01 4.91 11.88
C ILE B 6 36.33 6.12 11.29
N GLN B 7 37.06 6.86 10.46
CA GLN B 7 36.56 8.14 9.99
C GLN B 7 35.43 7.95 8.99
N PRO B 8 34.31 8.66 9.20
CA PRO B 8 33.21 8.62 8.22
C PRO B 8 33.57 9.24 6.85
N VAL B 9 32.95 8.74 5.79
CA VAL B 9 33.16 9.28 4.45
C VAL B 9 31.80 9.59 3.84
N LEU B 10 31.59 10.82 3.37
CA LEU B 10 30.22 11.26 3.08
C LEU B 10 29.86 11.56 1.60
N SER B 11 30.00 12.81 1.18
CA SER B 11 29.44 13.30 -0.09
C SER B 11 27.91 13.32 -0.11
N ILE B 16 16.47 5.59 5.99
CA ILE B 16 16.78 6.77 5.20
C ILE B 16 16.58 6.51 3.71
N VAL B 17 15.81 7.37 3.07
CA VAL B 17 15.61 7.33 1.63
C VAL B 17 16.70 8.16 0.94
N ASN B 18 17.25 7.61 -0.13
CA ASN B 18 18.31 8.24 -0.93
C ASN B 18 19.56 8.65 -0.12
N GLY B 19 19.95 7.78 0.80
CA GLY B 19 21.18 8.01 1.53
C GLY B 19 22.28 7.19 0.88
N GLU B 20 23.34 6.92 1.64
CA GLU B 20 24.37 6.02 1.15
C GLU B 20 24.78 5.11 2.30
N GLU B 21 25.52 4.07 2.01
CA GLU B 21 26.00 3.20 3.07
C GLU B 21 27.13 3.88 3.84
N ALA B 22 27.17 3.63 5.15
CA ALA B 22 28.21 4.18 6.00
C ALA B 22 29.40 3.25 5.96
N VAL B 23 30.60 3.83 6.08
CA VAL B 23 31.79 3.05 6.33
C VAL B 23 31.46 2.20 7.54
N PRO B 24 31.85 0.92 7.54
CA PRO B 24 31.52 0.10 8.70
C PRO B 24 32.17 0.61 9.99
N GLY B 25 31.37 0.98 10.98
CA GLY B 25 31.87 1.41 12.28
C GLY B 25 32.12 2.90 12.43
N SER B 26 31.94 3.65 11.37
CA SER B 26 32.24 5.08 11.37
C SER B 26 31.21 5.96 12.10
N TRP B 27 30.10 5.38 12.52
CA TRP B 27 29.19 6.08 13.42
C TRP B 27 29.00 5.26 14.69
N PRO B 28 30.07 5.11 15.49
CA PRO B 28 30.14 4.20 16.63
C PRO B 28 29.21 4.51 17.80
N TRP B 29 28.52 5.63 17.78
CA TRP B 29 27.57 5.90 18.85
C TRP B 29 26.18 5.46 18.44
N GLN B 30 25.98 5.23 17.14
CA GLN B 30 24.72 4.71 16.61
C GLN B 30 24.48 3.29 17.10
N VAL B 31 23.39 3.10 17.82
CA VAL B 31 23.04 1.78 18.27
C VAL B 31 21.70 1.39 17.69
N SER B 32 21.47 0.09 17.63
CA SER B 32 20.16 -0.41 17.22
C SER B 32 19.37 -0.79 18.46
N LEU B 33 18.13 -0.31 18.55
CA LEU B 33 17.23 -0.76 19.62
C LEU B 33 16.46 -1.98 19.12
N GLN B 34 16.61 -3.11 19.79
CA GLN B 34 16.05 -4.36 19.29
C GLN B 34 15.26 -5.15 20.35
N ASP B 35 14.19 -5.81 19.95
CA ASP B 35 13.52 -6.70 20.89
C ASP B 35 14.33 -7.96 21.07
N LYS B 36 13.87 -8.82 21.97
CA LYS B 36 14.52 -10.08 22.28
C LYS B 36 14.73 -11.02 21.07
N THR B 37 13.99 -10.81 19.99
CA THR B 37 14.12 -11.66 18.80
C THR B 37 15.22 -11.14 17.85
N GLY B 38 15.79 -9.98 18.17
CA GLY B 38 16.83 -9.41 17.34
C GLY B 38 16.21 -8.45 16.35
N PHE B 39 14.98 -8.05 16.61
CA PHE B 39 14.25 -7.20 15.67
C PHE B 39 14.45 -5.70 15.90
N HIS B 40 15.01 -5.03 14.90
CA HIS B 40 15.23 -3.58 14.98
C HIS B 40 13.91 -2.81 14.92
N PHE B 41 13.63 -2.03 15.95
CA PHE B 41 12.44 -1.20 15.93
C PHE B 41 12.75 0.30 16.02
N CYS B 42 13.94 0.65 16.50
CA CYS B 42 14.33 2.06 16.62
C CYS B 42 15.86 2.25 16.64
N GLY B 43 16.29 3.49 16.46
CA GLY B 43 17.69 3.85 16.58
C GLY B 43 17.91 4.59 17.89
N GLY B 44 19.16 4.89 18.21
CA GLY B 44 19.48 5.69 19.39
C GLY B 44 20.94 6.11 19.33
N SER B 45 21.43 6.86 20.32
CA SER B 45 22.83 7.30 20.31
C SER B 45 23.51 7.15 21.67
N LEU B 46 24.65 6.47 21.69
CA LEU B 46 25.45 6.39 22.91
C LEU B 46 26.01 7.77 23.20
N ILE B 47 25.88 8.20 24.46
CA ILE B 47 26.46 9.48 24.88
C ILE B 47 27.58 9.29 25.92
N ASN B 48 27.58 8.12 26.55
CA ASN B 48 28.71 7.67 27.36
C ASN B 48 28.56 6.17 27.55
N GLU B 49 29.47 5.57 28.31
CA GLU B 49 29.48 4.14 28.54
C GLU B 49 28.17 3.59 29.11
N ASN B 50 27.45 4.42 29.87
CA ASN B 50 26.27 3.96 30.58
C ASN B 50 24.92 4.51 30.09
N TRP B 51 24.94 5.43 29.12
CA TRP B 51 23.68 6.04 28.67
C TRP B 51 23.45 6.12 27.15
N VAL B 52 22.22 5.84 26.76
CA VAL B 52 21.78 5.99 25.39
C VAL B 52 20.63 6.98 25.31
N VAL B 53 20.68 7.86 24.34
CA VAL B 53 19.56 8.76 24.09
C VAL B 53 18.81 8.30 22.83
N THR B 54 17.48 8.36 22.88
CA THR B 54 16.65 7.88 21.79
C THR B 54 15.34 8.66 21.77
N ALA B 55 14.41 8.27 20.92
CA ALA B 55 13.11 8.94 20.85
C ALA B 55 12.08 8.32 21.79
N ALA B 56 11.37 9.17 22.52
CA ALA B 56 10.32 8.73 23.45
C ALA B 56 9.28 7.85 22.77
N HIS B 57 8.88 8.21 21.57
CA HIS B 57 7.79 7.51 20.90
C HIS B 57 8.20 6.10 20.54
N CYS B 58 9.50 5.79 20.61
CA CYS B 58 9.95 4.42 20.38
C CYS B 58 9.40 3.45 21.45
N GLY B 59 8.93 3.99 22.56
CA GLY B 59 8.35 3.19 23.61
C GLY B 59 9.26 2.08 24.10
N VAL B 60 10.55 2.41 24.25
CA VAL B 60 11.52 1.43 24.71
C VAL B 60 11.28 0.99 26.13
N THR B 61 11.29 -0.34 26.34
CA THR B 61 11.14 -0.89 27.67
C THR B 61 12.44 -1.60 28.03
N THR B 62 12.53 -2.06 29.28
CA THR B 62 13.76 -2.65 29.78
C THR B 62 14.00 -4.08 29.27
N SER B 63 13.00 -4.68 28.66
CA SER B 63 13.20 -5.97 28.03
C SER B 63 13.75 -5.79 26.61
N ASP B 64 13.76 -4.54 26.13
CA ASP B 64 14.38 -4.24 24.84
C ASP B 64 15.91 -4.25 24.98
N VAL B 65 16.61 -4.32 23.86
CA VAL B 65 18.05 -4.53 23.87
C VAL B 65 18.76 -3.45 23.08
N VAL B 66 19.83 -2.92 23.67
CA VAL B 66 20.68 -1.93 23.01
C VAL B 66 21.82 -2.64 22.31
N VAL B 67 21.92 -2.49 20.99
CA VAL B 67 22.99 -3.18 20.27
C VAL B 67 23.98 -2.20 19.62
N ALA B 68 25.21 -2.19 20.12
CA ALA B 68 26.24 -1.29 19.64
C ALA B 68 27.24 -2.06 18.80
N GLY B 69 27.82 -1.40 17.81
CA GLY B 69 28.84 -2.00 16.97
C GLY B 69 28.38 -3.04 15.96
N GLU B 70 27.07 -3.14 15.75
CA GLU B 70 26.54 -4.09 14.79
C GLU B 70 26.14 -3.33 13.56
N PHE B 71 27.11 -3.11 12.68
CA PHE B 71 26.91 -2.35 11.48
C PHE B 71 26.05 -3.14 10.47
N ASP B 72 26.23 -4.47 10.47
CA ASP B 72 25.44 -5.39 9.66
C ASP B 72 24.56 -6.24 10.56
N GLN B 73 23.24 -6.05 10.47
CA GLN B 73 22.32 -6.79 11.34
C GLN B 73 22.06 -8.21 10.82
N GLY B 74 22.61 -8.53 9.66
CA GLY B 74 22.56 -9.87 9.12
C GLY B 74 23.84 -10.66 9.34
N SER B 75 24.84 -10.01 9.92
CA SER B 75 26.11 -10.66 10.21
C SER B 75 26.27 -10.87 11.70
N SER B 76 27.09 -11.86 12.05
CA SER B 76 27.50 -12.05 13.43
C SER B 76 29.01 -11.94 13.53
N SER B 77 29.65 -11.71 12.38
CA SER B 77 31.09 -11.73 12.29
C SER B 77 31.73 -10.53 12.96
N GLU B 78 30.90 -9.57 13.39
CA GLU B 78 31.37 -8.35 14.03
C GLU B 78 31.53 -8.50 15.54
N LYS B 79 32.36 -7.64 16.12
CA LYS B 79 32.48 -7.55 17.58
C LYS B 79 31.38 -6.63 18.12
N ILE B 80 30.16 -7.14 18.15
CA ILE B 80 29.01 -6.34 18.57
C ILE B 80 28.80 -6.47 20.07
N GLN B 81 28.12 -5.47 20.66
CA GLN B 81 27.78 -5.54 22.07
C GLN B 81 26.27 -5.47 22.26
N LYS B 82 25.70 -6.51 22.84
CA LYS B 82 24.29 -6.51 23.22
C LYS B 82 24.18 -6.13 24.67
N LEU B 83 23.64 -4.95 24.92
CA LEU B 83 23.64 -4.34 26.24
C LEU B 83 22.22 -4.25 26.79
N LYS B 84 22.03 -4.67 28.04
CA LYS B 84 20.71 -4.60 28.65
C LYS B 84 20.39 -3.23 29.24
N ILE B 85 19.09 -2.91 29.30
CA ILE B 85 18.60 -1.63 29.79
C ILE B 85 18.12 -1.68 31.23
N ALA B 86 18.82 -0.93 32.09
CA ALA B 86 18.53 -0.90 33.51
C ALA B 86 17.30 -0.04 33.81
N LYS B 87 17.13 1.04 33.05
CA LYS B 87 15.99 1.93 33.24
C LYS B 87 15.70 2.85 32.05
N VAL B 88 14.43 3.18 31.88
CA VAL B 88 13.95 4.10 30.86
C VAL B 88 13.54 5.41 31.50
N PHE B 89 14.04 6.52 30.95
CA PHE B 89 13.67 7.86 31.40
C PHE B 89 13.03 8.66 30.27
N LYS B 90 11.71 8.74 30.26
CA LYS B 90 10.98 9.49 29.26
C LYS B 90 10.81 10.93 29.71
N ASN B 91 11.04 11.86 28.79
CA ASN B 91 10.97 13.30 29.12
C ASN B 91 9.60 13.78 29.56
N SER B 92 9.48 14.11 30.85
CA SER B 92 8.22 14.56 31.45
C SER B 92 7.85 15.98 31.03
N ILE B 99 5.05 12.82 21.83
CA ILE B 99 4.34 13.73 22.70
C ILE B 99 5.11 15.05 22.79
N ASN B 100 5.05 15.69 23.95
CA ASN B 100 5.91 16.84 24.20
C ASN B 100 7.37 16.40 24.40
N ASN B 101 8.25 16.88 23.53
CA ASN B 101 9.67 16.50 23.53
C ASN B 101 9.90 15.00 23.41
N ASP B 102 10.13 14.58 22.17
CA ASP B 102 10.25 13.17 21.81
C ASP B 102 11.68 12.72 22.07
N ILE B 103 12.02 12.63 23.35
CA ILE B 103 13.33 12.16 23.74
C ILE B 103 13.14 11.24 24.92
N THR B 104 14.02 10.26 25.05
CA THR B 104 14.00 9.33 26.16
C THR B 104 15.41 8.79 26.40
N LEU B 105 15.80 8.73 27.66
CA LEU B 105 17.13 8.27 28.01
C LEU B 105 17.09 6.85 28.54
N LEU B 106 18.07 6.05 28.14
CA LEU B 106 18.17 4.69 28.62
C LEU B 106 19.46 4.58 29.43
N LYS B 107 19.35 4.00 30.62
CA LYS B 107 20.53 3.61 31.37
C LYS B 107 20.83 2.14 31.16
N LEU B 108 22.05 1.83 30.74
CA LEU B 108 22.46 0.45 30.56
C LEU B 108 22.78 -0.18 31.91
N SER B 109 22.46 -1.46 32.05
CA SER B 109 22.75 -2.17 33.29
C SER B 109 24.23 -2.50 33.40
N THR B 110 24.87 -2.72 32.25
CA THR B 110 26.31 -2.88 32.21
C THR B 110 26.96 -1.94 31.19
N ALA B 111 27.91 -1.14 31.65
CA ALA B 111 28.59 -0.17 30.80
C ALA B 111 29.16 -0.77 29.53
N ALA B 112 28.88 -0.13 28.40
CA ALA B 112 29.48 -0.50 27.14
C ALA B 112 31.00 -0.40 27.25
N SER B 113 31.69 -1.20 26.45
CA SER B 113 33.14 -1.21 26.41
C SER B 113 33.49 -0.46 25.16
N PHE B 114 34.06 0.74 25.31
CA PHE B 114 34.35 1.52 24.13
C PHE B 114 35.46 0.88 23.33
N SER B 115 35.38 1.05 22.03
CA SER B 115 36.22 0.31 21.10
C SER B 115 36.26 1.03 19.77
N GLN B 116 36.86 0.37 18.78
CA GLN B 116 37.00 0.96 17.47
C GLN B 116 35.64 1.34 16.89
N THR B 117 34.60 0.58 17.26
CA THR B 117 33.28 0.69 16.64
C THR B 117 32.18 1.10 17.63
N VAL B 118 32.55 1.30 18.90
CA VAL B 118 31.60 1.73 19.91
C VAL B 118 32.21 2.86 20.76
N SER B 119 31.64 4.06 20.66
CA SER B 119 32.06 5.21 21.45
C SER B 119 30.94 6.23 21.53
N ALA B 120 31.23 7.38 22.12
CA ALA B 120 30.17 8.34 22.43
C ALA B 120 30.07 9.50 21.44
N VAL B 121 28.84 9.97 21.22
CA VAL B 121 28.65 11.22 20.49
C VAL B 121 28.76 12.39 21.49
N CYS B 122 29.14 13.57 21.02
CA CYS B 122 29.18 14.75 21.90
C CYS B 122 27.77 15.31 22.07
N LEU B 123 27.44 15.71 23.30
CA LEU B 123 26.22 16.48 23.54
C LEU B 123 26.57 17.96 23.41
N PRO B 124 25.64 18.75 22.87
CA PRO B 124 25.88 20.19 22.72
C PRO B 124 25.67 20.91 24.04
N SER B 125 26.04 22.17 24.12
CA SER B 125 25.62 23.03 25.23
C SER B 125 24.33 23.70 24.78
N ALA B 126 23.47 24.07 25.72
CA ALA B 126 22.17 24.64 25.38
C ALA B 126 22.29 25.93 24.56
N SER B 127 23.46 26.55 24.65
CA SER B 127 23.76 27.80 23.94
C SER B 127 24.30 27.64 22.51
N ASP B 128 24.58 26.41 22.09
CA ASP B 128 25.15 26.20 20.75
C ASP B 128 24.27 26.73 19.61
N ASP B 129 24.91 27.30 18.61
CA ASP B 129 24.22 27.79 17.41
C ASP B 129 24.52 26.94 16.16
N PHE B 130 23.63 26.00 15.88
CA PHE B 130 23.71 25.21 14.65
C PHE B 130 22.79 25.84 13.63
N ALA B 131 23.36 26.75 12.85
CA ALA B 131 22.59 27.63 11.98
C ALA B 131 21.74 26.88 10.93
N ALA B 132 20.64 27.49 10.52
CA ALA B 132 19.86 26.99 9.41
C ALA B 132 20.76 27.02 8.18
N GLY B 133 20.61 26.01 7.32
CA GLY B 133 21.39 25.92 6.11
C GLY B 133 22.66 25.13 6.33
N THR B 134 22.98 24.87 7.59
CA THR B 134 24.14 24.07 7.90
C THR B 134 23.91 22.64 7.43
N THR B 135 24.88 22.09 6.73
CA THR B 135 24.81 20.70 6.28
C THR B 135 25.21 19.76 7.42
N CYS B 136 24.28 18.92 7.84
CA CYS B 136 24.52 17.98 8.92
C CYS B 136 24.32 16.56 8.40
N VAL B 137 24.40 15.57 9.28
CA VAL B 137 24.30 14.18 8.86
C VAL B 137 23.40 13.39 9.79
N THR B 138 22.54 12.55 9.21
CA THR B 138 21.72 11.63 9.97
C THR B 138 21.99 10.19 9.53
N THR B 139 21.85 9.25 10.45
CA THR B 139 22.21 7.87 10.20
C THR B 139 21.09 6.97 10.70
N GLY B 140 21.06 5.71 10.25
CA GLY B 140 20.09 4.74 10.72
C GLY B 140 19.78 3.57 9.77
N TRP B 141 18.96 2.62 10.23
CA TRP B 141 18.58 1.47 9.41
C TRP B 141 17.14 1.57 8.95
N GLY B 142 16.63 2.80 8.91
CA GLY B 142 15.30 3.05 8.36
C GLY B 142 15.14 2.65 6.91
N LEU B 143 13.89 2.62 6.44
CA LEU B 143 13.59 2.32 5.04
C LEU B 143 14.39 3.20 4.11
N THR B 144 14.90 2.59 3.04
CA THR B 144 15.55 3.29 1.94
C THR B 144 14.56 3.51 0.80
N ARG B 145 13.33 3.09 1.02
CA ARG B 145 12.24 3.27 0.06
C ARG B 145 10.90 3.10 0.76
N TYR B 146 9.97 3.99 0.42
CA TYR B 146 8.60 3.92 0.93
C TYR B 146 7.76 2.98 0.06
N THR B 151 13.46 -2.82 5.88
CA THR B 151 14.55 -2.28 6.71
C THR B 151 15.91 -2.93 6.39
N PRO B 152 16.86 -2.11 5.91
CA PRO B 152 18.17 -2.60 5.46
C PRO B 152 18.95 -3.15 6.64
N ASP B 153 19.88 -4.07 6.41
CA ASP B 153 20.72 -4.62 7.46
C ASP B 153 22.00 -3.80 7.72
N ARG B 154 22.31 -2.88 6.83
CA ARG B 154 23.55 -2.15 6.94
C ARG B 154 23.24 -0.69 7.10
N LEU B 155 23.88 -0.10 8.10
CA LEU B 155 23.69 1.29 8.45
C LEU B 155 23.85 2.24 7.26
N GLN B 156 22.89 3.13 7.10
CA GLN B 156 22.95 4.18 6.10
C GLN B 156 23.17 5.55 6.74
N GLN B 157 23.58 6.51 5.91
CA GLN B 157 23.81 7.86 6.35
C GLN B 157 23.34 8.79 5.23
N ALA B 158 23.15 10.07 5.55
CA ALA B 158 22.78 11.05 4.53
C ALA B 158 23.09 12.47 5.03
N SER B 159 23.76 13.25 4.19
CA SER B 159 24.02 14.64 4.53
C SER B 159 22.76 15.41 4.18
N LEU B 160 22.32 16.29 5.07
CA LEU B 160 21.09 17.03 4.83
C LEU B 160 21.18 18.35 5.57
N PRO B 161 20.55 19.40 5.04
CA PRO B 161 20.66 20.72 5.68
C PRO B 161 19.59 20.91 6.76
N LEU B 162 19.93 21.66 7.80
CA LEU B 162 18.95 22.08 8.80
C LEU B 162 18.09 23.20 8.23
N LEU B 163 16.86 23.30 8.69
CA LEU B 163 15.99 24.41 8.30
C LEU B 163 15.81 25.32 9.50
N SER B 164 15.40 26.57 9.24
CA SER B 164 14.86 27.39 10.30
C SER B 164 13.48 26.87 10.62
N ASN B 165 13.04 27.05 11.87
CA ASN B 165 11.69 26.66 12.25
C ASN B 165 10.66 27.43 11.44
N THR B 166 10.99 28.68 11.09
CA THR B 166 10.10 29.45 10.22
C THR B 166 9.86 28.78 8.87
N ASN B 167 10.95 28.47 8.16
CA ASN B 167 10.82 27.81 6.88
C ASN B 167 10.15 26.46 7.03
N CYS B 168 10.46 25.76 8.14
CA CYS B 168 9.89 24.44 8.36
C CYS B 168 8.38 24.50 8.52
N LYS B 169 7.91 25.59 9.14
CA LYS B 169 6.48 25.81 9.35
C LYS B 169 5.70 25.95 8.04
N LYS B 170 6.44 26.15 6.95
CA LYS B 170 5.81 26.24 5.67
C LYS B 170 5.28 24.83 5.20
N TYR B 171 5.92 23.78 5.68
CA TYR B 171 5.52 22.41 5.34
C TYR B 171 4.61 21.84 6.37
N TRP B 172 4.77 22.29 7.62
CA TRP B 172 4.14 21.60 8.74
C TRP B 172 3.24 22.45 9.64
N GLY B 173 3.31 23.77 9.46
CA GLY B 173 2.49 24.69 10.24
C GLY B 173 2.73 24.59 11.73
N THR B 174 1.65 24.67 12.49
CA THR B 174 1.79 24.82 13.94
C THR B 174 2.32 23.57 14.66
N LYS B 175 2.65 22.52 13.90
CA LYS B 175 3.19 21.32 14.55
C LYS B 175 4.65 21.51 14.98
N ILE B 176 5.32 22.49 14.38
CA ILE B 176 6.73 22.69 14.63
C ILE B 176 6.89 23.55 15.87
N LYS B 177 7.35 22.92 16.96
CA LYS B 177 7.57 23.61 18.21
C LYS B 177 9.02 24.12 18.30
N ASP B 178 9.29 24.98 19.26
CA ASP B 178 10.61 25.56 19.41
C ASP B 178 11.66 24.53 19.81
N ALA B 179 11.25 23.53 20.58
CA ALA B 179 12.15 22.41 20.92
C ALA B 179 12.22 21.33 19.83
N MET B 180 11.77 21.67 18.62
CA MET B 180 12.05 20.84 17.45
C MET B 180 12.95 21.55 16.46
N ILE B 181 13.52 20.76 15.57
CA ILE B 181 14.33 21.31 14.50
C ILE B 181 14.16 20.40 13.28
N CYS B 182 13.94 21.01 12.12
CA CYS B 182 13.75 20.20 10.90
C CYS B 182 15.00 20.18 10.06
N ALA B 183 15.14 19.12 9.26
CA ALA B 183 16.25 19.00 8.33
C ALA B 183 15.88 18.08 7.17
N GLY B 184 16.47 18.32 6.02
CA GLY B 184 16.14 17.56 4.84
C GLY B 184 15.36 18.41 3.86
N ALA B 185 14.27 17.85 3.34
CA ALA B 185 13.51 18.43 2.24
C ALA B 185 14.42 18.74 1.06
N SER B 186 15.52 17.99 0.94
CA SER B 186 16.61 18.32 0.01
C SER B 186 17.02 17.13 -0.84
N GLY B 187 16.11 16.17 -1.00
CA GLY B 187 16.41 14.99 -1.80
C GLY B 187 16.70 13.74 -1.00
N VAL B 188 16.77 13.88 0.31
CA VAL B 188 16.94 12.71 1.17
C VAL B 188 15.91 12.81 2.27
N SER B 189 15.76 11.74 3.02
CA SER B 189 14.78 11.78 4.08
C SER B 189 14.96 10.68 5.12
N SER B 190 14.79 11.04 6.38
CA SER B 190 14.66 10.05 7.42
C SER B 190 13.37 9.34 7.10
N CYS B 191 13.26 8.10 7.57
CA CYS B 191 12.10 7.28 7.20
C CYS B 191 11.86 6.20 8.26
N MET B 192 10.84 5.37 8.04
CA MET B 192 10.45 4.35 9.01
C MET B 192 11.60 3.43 9.38
N GLY B 193 11.87 3.34 10.67
CA GLY B 193 12.98 2.57 11.20
C GLY B 193 14.14 3.46 11.64
N ASP B 194 14.10 4.74 11.27
CA ASP B 194 15.17 5.66 11.63
C ASP B 194 14.97 6.31 12.99
N SER B 195 13.75 6.20 13.52
CA SER B 195 13.35 6.83 14.77
C SER B 195 14.27 6.61 15.97
N GLY B 196 14.57 7.70 16.66
CA GLY B 196 15.43 7.64 17.83
C GLY B 196 16.91 7.84 17.57
N GLY B 197 17.36 7.70 16.33
CA GLY B 197 18.77 7.81 16.01
C GLY B 197 19.20 9.26 15.81
N PRO B 198 20.50 9.49 15.52
CA PRO B 198 21.10 10.84 15.54
C PRO B 198 20.89 11.67 14.27
N LEU B 199 20.69 12.97 14.46
CA LEU B 199 21.02 13.98 13.49
C LEU B 199 22.19 14.74 14.12
N VAL B 200 23.41 14.54 13.61
CA VAL B 200 24.59 15.13 14.21
C VAL B 200 25.23 16.19 13.30
N CYS B 201 25.84 17.20 13.91
CA CYS B 201 26.56 18.24 13.19
C CYS B 201 27.99 18.36 13.73
N LYS B 202 28.93 18.67 12.86
CA LYS B 202 30.30 18.86 13.31
C LYS B 202 30.46 20.25 13.94
N LYS B 203 31.16 20.28 15.08
CA LYS B 203 31.41 21.50 15.82
C LYS B 203 32.73 21.32 16.55
N ASN B 204 33.69 22.20 16.29
CA ASN B 204 35.04 22.12 16.87
C ASN B 204 35.75 20.79 16.62
N GLY B 205 35.63 20.25 15.41
CA GLY B 205 36.31 19.02 15.05
C GLY B 205 35.60 17.71 15.42
N ALA B 206 34.51 17.79 16.17
CA ALA B 206 33.82 16.59 16.62
C ALA B 206 32.34 16.64 16.23
N TRP B 207 31.72 15.45 16.16
CA TRP B 207 30.29 15.33 15.84
C TRP B 207 29.43 15.54 17.07
N THR B 208 28.45 16.44 16.95
CA THR B 208 27.56 16.80 18.05
C THR B 208 26.12 16.46 17.80
N LEU B 209 25.48 15.85 18.79
CA LEU B 209 24.08 15.47 18.65
C LEU B 209 23.15 16.68 18.67
N VAL B 210 22.56 16.98 17.52
CA VAL B 210 21.73 18.16 17.39
C VAL B 210 20.25 17.79 17.30
N GLY B 211 20.00 16.61 16.77
CA GLY B 211 18.64 16.18 16.53
C GLY B 211 18.51 14.71 16.88
N ILE B 212 17.27 14.33 17.18
CA ILE B 212 16.87 12.93 17.35
C ILE B 212 15.72 12.69 16.39
N VAL B 213 15.86 11.64 15.56
CA VAL B 213 14.93 11.36 14.48
C VAL B 213 13.58 11.13 15.12
N SER B 214 12.63 12.02 14.84
CA SER B 214 11.33 11.98 15.49
C SER B 214 10.19 11.55 14.54
N TRP B 215 9.79 12.43 13.62
CA TRP B 215 8.68 12.17 12.72
C TRP B 215 8.85 12.90 11.40
N GLY B 216 7.86 12.77 10.53
CA GLY B 216 7.88 13.50 9.27
C GLY B 216 6.91 12.91 8.26
N SER B 217 7.29 13.00 6.98
CA SER B 217 6.42 12.63 5.86
C SER B 217 5.86 11.19 5.96
N SER B 218 4.56 11.05 5.76
CA SER B 218 3.95 9.75 5.84
C SER B 218 4.47 8.86 4.73
N THR B 219 5.07 9.47 3.72
CA THR B 219 5.63 8.76 2.57
C THR B 219 7.15 8.95 2.47
N CYS B 220 7.76 9.44 3.56
CA CYS B 220 9.19 9.82 3.57
C CYS B 220 9.61 10.67 2.36
N SER B 221 8.74 11.59 1.95
CA SER B 221 8.96 12.35 0.73
C SER B 221 10.26 13.15 0.83
N THR B 222 11.12 13.05 -0.16
CA THR B 222 12.42 13.73 -0.05
C THR B 222 12.35 15.25 -0.29
N SER B 223 11.16 15.79 -0.52
CA SER B 223 10.98 17.22 -0.67
C SER B 223 10.24 17.78 0.56
N THR B 224 10.18 16.98 1.61
CA THR B 224 9.50 17.36 2.84
C THR B 224 10.56 17.21 3.95
N PRO B 225 10.68 18.23 4.82
CA PRO B 225 11.69 18.20 5.88
C PRO B 225 11.31 17.17 6.94
N GLY B 226 12.29 16.38 7.39
CA GLY B 226 12.08 15.52 8.53
C GLY B 226 12.08 16.41 9.76
N VAL B 227 11.38 15.97 10.81
CA VAL B 227 11.32 16.73 12.06
C VAL B 227 12.01 15.95 13.18
N TYR B 228 12.82 16.67 13.97
CA TYR B 228 13.70 16.07 14.94
C TYR B 228 13.56 16.78 16.27
N ALA B 229 13.82 16.10 17.38
CA ALA B 229 13.87 16.79 18.65
C ALA B 229 15.15 17.66 18.73
N ARG B 230 14.99 18.92 19.09
CA ARG B 230 16.14 19.83 19.17
C ARG B 230 16.93 19.56 20.46
N VAL B 231 18.05 18.85 20.33
CA VAL B 231 18.89 18.50 21.48
C VAL B 231 19.51 19.69 22.28
N THR B 232 19.80 20.82 21.64
CA THR B 232 20.24 21.97 22.42
C THR B 232 19.19 22.36 23.46
N ALA B 233 17.91 22.24 23.09
CA ALA B 233 16.82 22.68 23.98
C ALA B 233 16.57 21.69 25.10
N LEU B 234 17.12 20.49 24.97
CA LEU B 234 16.79 19.38 25.85
C LEU B 234 18.01 18.91 26.62
N VAL B 235 19.15 19.51 26.32
CA VAL B 235 20.40 19.02 26.88
C VAL B 235 20.51 19.22 28.40
N ASN B 236 19.88 20.26 28.93
CA ASN B 236 19.90 20.43 30.38
C ASN B 236 19.04 19.38 31.10
N TRP B 237 17.90 19.03 30.50
CA TRP B 237 17.15 17.87 31.00
C TRP B 237 17.99 16.59 30.93
N VAL B 238 18.70 16.38 29.82
CA VAL B 238 19.62 15.25 29.71
C VAL B 238 20.73 15.20 30.80
N GLN B 239 21.38 16.32 31.05
CA GLN B 239 22.50 16.34 31.99
C GLN B 239 22.02 16.19 33.43
N GLN B 240 20.96 16.91 33.74
CA GLN B 240 20.24 16.76 34.99
C GLN B 240 19.93 15.27 35.27
N THR B 241 19.36 14.59 34.28
CA THR B 241 18.98 13.19 34.41
C THR B 241 20.15 12.27 34.75
N LEU B 242 21.26 12.45 34.05
CA LEU B 242 22.43 11.60 34.26
C LEU B 242 23.02 11.79 35.65
N ALA B 243 23.19 13.04 36.05
CA ALA B 243 23.79 13.36 37.35
C ALA B 243 22.94 12.94 38.55
N ALA B 244 21.64 12.76 38.33
CA ALA B 244 20.75 12.37 39.41
C ALA B 244 20.44 10.88 39.40
N ASN B 245 21.13 10.13 38.55
CA ASN B 245 20.86 8.69 38.46
C ASN B 245 22.08 7.84 38.20
N CYS C 1 -25.57 5.93 30.73
CA CYS C 1 -24.50 5.56 29.82
C CYS C 1 -23.47 6.66 29.62
N GLY C 2 -22.24 6.27 29.28
CA GLY C 2 -21.26 7.17 28.75
C GLY C 2 -20.60 8.10 29.75
N VAL C 3 -20.99 8.00 31.00
CA VAL C 3 -20.44 8.83 32.08
C VAL C 3 -19.80 7.93 33.12
N PRO C 4 -18.54 7.49 32.89
CA PRO C 4 -17.87 6.58 33.83
C PRO C 4 -17.87 7.13 35.26
N ALA C 5 -17.96 6.21 36.23
CA ALA C 5 -17.87 6.60 37.63
C ALA C 5 -16.48 7.18 37.83
N ILE C 6 -15.46 6.44 37.38
CA ILE C 6 -14.08 6.90 37.38
C ILE C 6 -13.78 7.72 36.13
N GLN C 7 -13.73 9.04 36.30
CA GLN C 7 -13.63 9.93 35.14
C GLN C 7 -12.31 9.80 34.34
N PRO C 8 -12.41 9.64 33.02
CA PRO C 8 -11.25 9.49 32.13
C PRO C 8 -10.45 10.80 31.99
N VAL C 9 -9.14 10.66 31.87
CA VAL C 9 -8.23 11.79 31.73
C VAL C 9 -7.39 11.69 30.46
N LEU C 10 -7.59 12.62 29.53
CA LEU C 10 -6.86 12.59 28.26
C LEU C 10 -5.62 13.48 28.31
N ILE C 16 -2.81 -0.46 20.82
CA ILE C 16 -2.76 0.97 20.52
C ILE C 16 -1.33 1.48 20.58
N VAL C 17 -0.76 1.80 19.41
CA VAL C 17 0.61 2.35 19.33
C VAL C 17 0.68 3.81 19.75
N ASN C 18 1.61 4.12 20.65
CA ASN C 18 1.87 5.50 21.10
C ASN C 18 0.68 6.18 21.76
N GLY C 19 -0.18 5.39 22.39
CA GLY C 19 -1.23 5.97 23.22
C GLY C 19 -0.67 6.20 24.61
N GLU C 20 -1.55 6.47 25.55
CA GLU C 20 -1.11 6.48 26.90
C GLU C 20 -1.94 5.49 27.62
N GLU C 21 -1.45 5.16 28.78
CA GLU C 21 -2.06 4.23 29.65
C GLU C 21 -3.31 4.83 30.30
N ALA C 22 -4.44 4.14 30.26
CA ALA C 22 -5.64 4.66 30.85
C ALA C 22 -5.61 4.69 32.38
N VAL C 23 -6.24 5.72 32.94
CA VAL C 23 -6.57 5.72 34.35
C VAL C 23 -7.36 4.45 34.67
N PRO C 24 -6.88 3.68 35.66
CA PRO C 24 -7.48 2.36 35.91
C PRO C 24 -8.99 2.43 36.12
N GLY C 25 -9.77 1.68 35.33
CA GLY C 25 -11.19 1.57 35.54
C GLY C 25 -12.02 2.66 34.91
N SER C 26 -11.39 3.54 34.14
CA SER C 26 -12.04 4.75 33.60
C SER C 26 -12.72 4.61 32.23
N TRP C 27 -12.66 3.42 31.63
CA TRP C 27 -13.43 3.14 30.42
C TRP C 27 -14.19 1.87 30.71
N PRO C 28 -15.21 1.99 31.57
CA PRO C 28 -15.81 0.81 32.22
C PRO C 28 -16.70 -0.06 31.31
N TRP C 29 -16.99 0.44 30.11
CA TRP C 29 -17.66 -0.36 29.10
C TRP C 29 -16.69 -1.23 28.33
N GLN C 30 -15.41 -0.92 28.43
CA GLN C 30 -14.38 -1.67 27.73
C GLN C 30 -14.25 -3.08 28.30
N VAL C 31 -14.45 -4.09 27.45
CA VAL C 31 -14.27 -5.48 27.84
C VAL C 31 -13.16 -6.17 27.03
N SER C 32 -12.66 -7.27 27.58
CA SER C 32 -11.65 -8.06 26.89
C SER C 32 -12.29 -9.36 26.40
N LEU C 33 -12.22 -9.63 25.10
CA LEU C 33 -12.70 -10.92 24.63
C LEU C 33 -11.56 -11.90 24.64
N GLN C 34 -11.69 -12.94 25.48
CA GLN C 34 -10.66 -13.95 25.68
C GLN C 34 -11.19 -15.37 25.43
N ASP C 35 -10.31 -16.29 25.04
CA ASP C 35 -10.71 -17.70 25.07
C ASP C 35 -10.66 -18.23 26.51
N LYS C 36 -11.08 -19.48 26.72
CA LYS C 36 -11.06 -20.07 28.06
C LYS C 36 -9.64 -20.29 28.58
N THR C 37 -8.64 -19.80 27.84
CA THR C 37 -7.23 -19.90 28.26
C THR C 37 -6.69 -18.60 28.82
N GLY C 38 -7.42 -17.51 28.61
CA GLY C 38 -7.00 -16.21 29.12
C GLY C 38 -6.36 -15.34 28.04
N PHE C 39 -6.23 -15.90 26.85
CA PHE C 39 -5.66 -15.15 25.75
C PHE C 39 -6.63 -14.09 25.21
N HIS C 40 -6.24 -12.82 25.35
CA HIS C 40 -6.98 -11.68 24.80
C HIS C 40 -6.80 -11.55 23.29
N PHE C 41 -7.91 -11.59 22.56
CA PHE C 41 -7.83 -11.49 21.09
C PHE C 41 -8.56 -10.28 20.50
N CYS C 42 -9.46 -9.66 21.25
CA CYS C 42 -10.23 -8.53 20.75
C CYS C 42 -10.84 -7.77 21.91
N GLY C 43 -11.22 -6.53 21.65
CA GLY C 43 -11.99 -5.76 22.61
C GLY C 43 -13.48 -5.84 22.33
N GLY C 44 -14.26 -5.12 23.12
CA GLY C 44 -15.70 -5.08 23.00
C GLY C 44 -16.24 -3.98 23.89
N SER C 45 -17.42 -3.48 23.59
CA SER C 45 -18.01 -2.42 24.39
C SER C 45 -19.38 -2.84 24.92
N LEU C 46 -19.53 -2.78 26.23
CA LEU C 46 -20.83 -2.99 26.87
C LEU C 46 -21.81 -1.87 26.51
N ILE C 47 -22.97 -2.24 25.99
CA ILE C 47 -24.01 -1.28 25.64
C ILE C 47 -25.19 -1.34 26.61
N ASN C 48 -25.24 -2.40 27.40
CA ASN C 48 -26.06 -2.47 28.59
C ASN C 48 -25.61 -3.68 29.35
N GLU C 49 -26.42 -4.11 30.31
CA GLU C 49 -26.03 -5.21 31.19
C GLU C 49 -25.99 -6.57 30.49
N ASN C 50 -26.65 -6.71 29.35
CA ASN C 50 -26.78 -8.02 28.75
C ASN C 50 -26.12 -8.18 27.38
N TRP C 51 -25.60 -7.08 26.84
CA TRP C 51 -25.11 -7.06 25.46
C TRP C 51 -23.75 -6.37 25.28
N VAL C 52 -22.88 -6.98 24.49
CA VAL C 52 -21.61 -6.39 24.17
C VAL C 52 -21.51 -6.21 22.66
N VAL C 53 -21.06 -5.03 22.24
CA VAL C 53 -20.89 -4.76 20.83
C VAL C 53 -19.39 -4.82 20.49
N THR C 54 -19.09 -5.41 19.34
CA THR C 54 -17.74 -5.79 18.99
C THR C 54 -17.67 -5.93 17.48
N ALA C 55 -16.63 -6.57 16.97
CA ALA C 55 -16.52 -6.69 15.54
C ALA C 55 -16.58 -8.14 15.07
N ALA C 56 -17.23 -8.31 13.92
CA ALA C 56 -17.43 -9.61 13.31
C ALA C 56 -16.13 -10.33 13.04
N HIS C 57 -15.13 -9.62 12.54
CA HIS C 57 -13.89 -10.28 12.17
C HIS C 57 -13.11 -10.90 13.36
N CYS C 58 -13.53 -10.60 14.59
CA CYS C 58 -12.98 -11.34 15.72
C CYS C 58 -13.48 -12.79 15.74
N GLY C 59 -14.53 -13.06 14.94
CA GLY C 59 -15.15 -14.38 14.87
C GLY C 59 -15.39 -14.96 16.26
N VAL C 60 -16.05 -14.20 17.13
CA VAL C 60 -16.32 -14.67 18.47
C VAL C 60 -17.30 -15.81 18.45
N THR C 61 -17.04 -16.84 19.26
CA THR C 61 -18.03 -17.89 19.43
C THR C 61 -18.54 -17.93 20.87
N THR C 62 -19.47 -18.84 21.11
CA THR C 62 -20.11 -18.95 22.41
C THR C 62 -19.19 -19.75 23.32
N SER C 63 -18.02 -20.10 22.80
CA SER C 63 -16.99 -20.69 23.64
C SER C 63 -16.08 -19.63 24.27
N ASP C 64 -16.08 -18.41 23.72
CA ASP C 64 -15.22 -17.33 24.24
C ASP C 64 -15.81 -16.67 25.48
N VAL C 65 -15.11 -15.71 26.05
CA VAL C 65 -15.48 -15.20 27.36
C VAL C 65 -15.34 -13.69 27.36
N VAL C 66 -16.31 -13.01 27.96
CA VAL C 66 -16.25 -11.57 28.05
C VAL C 66 -15.76 -11.18 29.43
N VAL C 67 -14.56 -10.61 29.50
CA VAL C 67 -13.98 -10.20 30.76
C VAL C 67 -14.27 -8.72 30.94
N ALA C 68 -15.09 -8.39 31.92
CA ALA C 68 -15.46 -7.01 32.16
C ALA C 68 -14.72 -6.45 33.36
N GLY C 69 -14.52 -5.13 33.36
CA GLY C 69 -13.92 -4.44 34.49
C GLY C 69 -12.44 -4.72 34.68
N GLU C 70 -11.75 -5.11 33.60
CA GLU C 70 -10.33 -5.34 33.69
C GLU C 70 -9.56 -4.04 33.52
N PHE C 71 -8.29 -4.10 33.90
CA PHE C 71 -7.34 -3.06 33.59
C PHE C 71 -6.04 -3.75 33.28
N ASP C 72 -5.51 -4.43 34.29
CA ASP C 72 -4.25 -5.15 34.17
C ASP C 72 -4.51 -6.65 34.12
N GLN C 73 -4.38 -7.25 32.93
CA GLN C 73 -4.54 -8.70 32.79
C GLN C 73 -3.34 -9.47 33.37
N GLY C 74 -2.26 -8.75 33.69
CA GLY C 74 -1.14 -9.39 34.34
C GLY C 74 -1.34 -9.41 35.84
N SER C 75 -2.28 -8.59 36.32
CA SER C 75 -2.55 -8.47 37.75
C SER C 75 -3.77 -9.29 38.14
N SER C 76 -3.84 -9.65 39.42
CA SER C 76 -4.95 -10.48 39.90
C SER C 76 -5.67 -9.81 41.06
N SER C 77 -5.68 -8.48 41.06
CA SER C 77 -6.29 -7.74 42.16
C SER C 77 -7.76 -7.40 41.88
N GLU C 78 -8.05 -7.01 40.64
CA GLU C 78 -9.36 -6.46 40.28
C GLU C 78 -10.50 -7.49 40.21
N LYS C 79 -11.66 -7.12 40.76
CA LYS C 79 -12.83 -8.00 40.73
C LYS C 79 -13.50 -8.02 39.36
N ILE C 80 -12.86 -8.66 38.39
CA ILE C 80 -13.36 -8.66 37.04
C ILE C 80 -14.39 -9.77 36.89
N GLN C 81 -15.29 -9.61 35.93
CA GLN C 81 -16.35 -10.58 35.73
C GLN C 81 -16.12 -11.40 34.47
N LYS C 82 -15.77 -12.66 34.62
CA LYS C 82 -15.71 -13.54 33.45
C LYS C 82 -17.12 -13.97 33.04
N LEU C 83 -17.57 -13.46 31.90
CA LEU C 83 -18.96 -13.63 31.49
C LEU C 83 -19.11 -14.54 30.30
N LYS C 84 -20.09 -15.44 30.40
CA LYS C 84 -20.34 -16.40 29.33
C LYS C 84 -21.09 -15.72 28.21
N ILE C 85 -20.93 -16.26 27.02
CA ILE C 85 -21.65 -15.74 25.88
C ILE C 85 -22.77 -16.72 25.56
N ALA C 86 -24.01 -16.24 25.60
CA ALA C 86 -25.14 -17.06 25.21
C ALA C 86 -25.20 -17.17 23.70
N LYS C 87 -25.18 -16.02 23.03
CA LYS C 87 -25.46 -16.02 21.60
C LYS C 87 -24.77 -14.89 20.83
N VAL C 88 -24.28 -15.23 19.65
CA VAL C 88 -23.54 -14.31 18.82
C VAL C 88 -24.42 -13.92 17.63
N PHE C 89 -24.54 -12.62 17.39
CA PHE C 89 -25.33 -12.14 16.26
C PHE C 89 -24.40 -11.38 15.31
N LYS C 90 -24.21 -11.96 14.12
CA LYS C 90 -23.45 -11.33 13.05
C LYS C 90 -24.37 -10.40 12.29
N ASN C 91 -23.83 -9.30 11.78
CA ASN C 91 -24.64 -8.30 11.09
C ASN C 91 -25.28 -8.86 9.83
N SER C 92 -26.44 -8.35 9.47
CA SER C 92 -27.14 -8.79 8.27
C SER C 92 -26.27 -8.81 7.00
N LYS C 93 -25.98 -7.64 6.46
CA LYS C 93 -25.29 -7.53 5.17
C LYS C 93 -23.76 -7.46 5.31
N TYR C 94 -23.24 -8.16 6.32
CA TYR C 94 -21.81 -8.08 6.64
C TYR C 94 -20.92 -8.89 5.69
N ASN C 95 -19.84 -8.25 5.24
CA ASN C 95 -18.86 -8.87 4.35
C ASN C 95 -18.12 -10.03 5.01
N ASN C 100 -16.39 -5.45 6.07
CA ASN C 100 -17.09 -4.22 5.67
C ASN C 100 -18.24 -3.78 6.57
N ASN C 101 -19.04 -4.72 7.07
CA ASN C 101 -19.93 -4.39 8.17
C ASN C 101 -19.42 -5.16 9.38
N ASP C 102 -18.30 -4.68 9.87
CA ASP C 102 -17.53 -5.36 10.88
C ASP C 102 -18.12 -5.08 12.25
N ILE C 103 -19.27 -5.70 12.51
CA ILE C 103 -19.95 -5.54 13.78
C ILE C 103 -20.58 -6.85 14.18
N THR C 104 -20.47 -7.16 15.46
CA THR C 104 -21.09 -8.36 16.00
C THR C 104 -21.64 -8.00 17.38
N LEU C 105 -22.79 -8.57 17.71
CA LEU C 105 -23.38 -8.39 19.02
C LEU C 105 -23.26 -9.69 19.78
N LEU C 106 -22.95 -9.59 21.06
CA LEU C 106 -22.84 -10.74 21.92
C LEU C 106 -23.88 -10.57 23.03
N LYS C 107 -24.79 -11.53 23.18
CA LYS C 107 -25.68 -11.49 24.33
C LYS C 107 -25.12 -12.38 25.43
N LEU C 108 -24.95 -11.80 26.62
CA LEU C 108 -24.33 -12.52 27.73
C LEU C 108 -25.31 -13.55 28.26
N SER C 109 -24.78 -14.63 28.84
CA SER C 109 -25.64 -15.68 29.33
C SER C 109 -26.28 -15.26 30.65
N THR C 110 -25.51 -14.55 31.46
CA THR C 110 -26.01 -13.93 32.68
C THR C 110 -25.60 -12.47 32.67
N ALA C 111 -26.46 -11.60 33.20
CA ALA C 111 -26.21 -10.17 33.15
C ALA C 111 -24.93 -9.74 33.84
N ALA C 112 -24.09 -8.94 33.17
CA ALA C 112 -23.00 -8.28 33.89
C ALA C 112 -23.56 -7.44 35.04
N SER C 113 -22.81 -7.36 36.13
CA SER C 113 -23.15 -6.43 37.21
C SER C 113 -22.48 -5.09 36.98
N PHE C 114 -23.28 -4.02 36.92
CA PHE C 114 -22.71 -2.69 36.74
C PHE C 114 -22.16 -2.05 38.04
N SER C 115 -21.02 -1.39 37.94
CA SER C 115 -20.33 -0.87 39.11
C SER C 115 -19.59 0.40 38.75
N GLN C 116 -18.65 0.80 39.59
CA GLN C 116 -17.79 1.93 39.24
C GLN C 116 -16.94 1.62 38.00
N THR C 117 -16.42 0.41 37.92
CA THR C 117 -15.51 0.00 36.85
C THR C 117 -16.16 -0.88 35.78
N VAL C 118 -17.47 -1.08 35.86
CA VAL C 118 -18.22 -1.76 34.79
C VAL C 118 -19.52 -1.06 34.51
N SER C 119 -19.65 -0.46 33.33
CA SER C 119 -20.89 0.24 32.96
C SER C 119 -21.02 0.40 31.46
N ALA C 120 -22.10 1.03 31.01
CA ALA C 120 -22.41 1.00 29.59
C ALA C 120 -22.00 2.25 28.82
N VAL C 121 -21.62 2.04 27.56
CA VAL C 121 -21.32 3.13 26.65
C VAL C 121 -22.64 3.55 26.01
N CYS C 122 -22.73 4.80 25.55
CA CYS C 122 -23.93 5.25 24.82
C CYS C 122 -23.90 4.91 23.34
N LEU C 123 -25.07 4.62 22.78
CA LEU C 123 -25.20 4.43 21.35
C LEU C 123 -25.74 5.71 20.74
N PRO C 124 -25.27 6.06 19.53
CA PRO C 124 -25.77 7.22 18.80
C PRO C 124 -27.15 6.96 18.18
N SER C 125 -27.76 8.02 17.68
CA SER C 125 -28.89 7.91 16.77
C SER C 125 -28.32 7.91 15.34
N ALA C 126 -29.09 7.37 14.40
CA ALA C 126 -28.59 7.21 13.03
C ALA C 126 -28.34 8.56 12.36
N SER C 127 -29.03 9.59 12.80
CA SER C 127 -28.87 10.88 12.15
C SER C 127 -27.79 11.77 12.79
N ASP C 128 -27.29 11.37 13.98
CA ASP C 128 -26.24 12.08 14.72
C ASP C 128 -25.02 12.48 13.89
N ASP C 129 -24.66 13.75 13.91
CA ASP C 129 -23.50 14.23 13.18
C ASP C 129 -22.23 14.25 14.04
N PHE C 130 -21.31 13.34 13.75
CA PHE C 130 -20.00 13.39 14.40
C PHE C 130 -19.00 13.93 13.39
N ALA C 131 -18.69 15.21 13.54
CA ALA C 131 -18.05 15.98 12.48
C ALA C 131 -16.58 15.64 12.31
N ALA C 132 -16.14 15.55 11.07
CA ALA C 132 -14.71 15.41 10.79
C ALA C 132 -13.91 16.48 11.57
N GLY C 133 -12.73 16.12 12.06
CA GLY C 133 -11.93 17.03 12.86
C GLY C 133 -12.20 16.94 14.36
N THR C 134 -13.32 16.33 14.73
CA THR C 134 -13.66 16.19 16.15
C THR C 134 -12.60 15.32 16.84
N THR C 135 -12.16 15.70 18.03
CA THR C 135 -11.29 14.83 18.80
C THR C 135 -12.12 13.77 19.53
N CYS C 136 -11.70 12.51 19.43
CA CYS C 136 -12.36 11.40 20.11
C CYS C 136 -11.31 10.44 20.62
N VAL C 137 -11.73 9.34 21.22
CA VAL C 137 -10.80 8.41 21.89
C VAL C 137 -11.09 6.96 21.54
N THR C 138 -10.04 6.17 21.33
CA THR C 138 -10.17 4.73 21.25
C THR C 138 -9.38 4.11 22.40
N THR C 139 -9.73 2.87 22.76
CA THR C 139 -9.10 2.22 23.90
C THR C 139 -8.85 0.76 23.62
N GLY C 140 -7.97 0.13 24.39
CA GLY C 140 -7.81 -1.31 24.24
C GLY C 140 -6.48 -1.92 24.60
N TRP C 141 -6.42 -3.26 24.48
CA TRP C 141 -5.24 -4.04 24.85
C TRP C 141 -4.49 -4.49 23.61
N GLY C 142 -4.68 -3.77 22.51
CA GLY C 142 -3.90 -4.01 21.32
C GLY C 142 -2.42 -3.69 21.54
N LEU C 143 -1.56 -4.24 20.68
CA LEU C 143 -0.12 -4.00 20.78
C LEU C 143 0.21 -2.53 20.90
N THR C 144 1.29 -2.25 21.62
CA THR C 144 1.83 -0.90 21.72
C THR C 144 2.92 -0.73 20.67
N ARG C 145 3.36 -1.86 20.11
CA ARG C 145 4.39 -1.86 19.09
C ARG C 145 4.11 -3.02 18.16
N TYR C 146 4.08 -2.74 16.87
CA TYR C 146 3.89 -3.80 15.89
C TYR C 146 5.17 -4.63 15.85
N ALA C 149 6.69 -10.35 23.96
CA ALA C 149 5.43 -9.88 23.42
C ALA C 149 5.28 -8.36 23.56
N ASN C 150 4.65 -7.74 22.58
CA ASN C 150 4.40 -6.29 22.62
C ASN C 150 2.97 -5.98 23.01
N THR C 151 2.35 -6.92 23.72
CA THR C 151 0.97 -6.79 24.16
C THR C 151 0.94 -6.28 25.58
N PRO C 152 0.19 -5.21 25.82
CA PRO C 152 0.22 -4.56 27.13
C PRO C 152 -0.74 -5.24 28.11
N ASP C 153 -0.31 -5.41 29.35
CA ASP C 153 -1.18 -5.95 30.40
C ASP C 153 -2.22 -4.91 30.81
N ARG C 154 -1.77 -3.67 30.86
CA ARG C 154 -2.58 -2.59 31.33
C ARG C 154 -3.28 -1.80 30.19
N LEU C 155 -4.48 -1.30 30.45
CA LEU C 155 -5.32 -0.73 29.41
C LEU C 155 -4.76 0.57 28.85
N GLN C 156 -4.70 0.63 27.54
CA GLN C 156 -4.21 1.81 26.86
C GLN C 156 -5.37 2.62 26.30
N GLN C 157 -5.14 3.90 26.11
CA GLN C 157 -6.11 4.80 25.50
C GLN C 157 -5.37 5.74 24.57
N ALA C 158 -6.09 6.42 23.68
CA ALA C 158 -5.48 7.46 22.87
C ALA C 158 -6.54 8.39 22.34
N SER C 159 -6.15 9.65 22.19
CA SER C 159 -6.99 10.70 21.65
C SER C 159 -6.58 10.91 20.19
N LEU C 160 -7.55 11.08 19.31
CA LEU C 160 -7.30 11.11 17.88
C LEU C 160 -8.53 11.69 17.16
N PRO C 161 -8.35 12.31 15.99
CA PRO C 161 -9.41 13.01 15.28
C PRO C 161 -10.15 12.16 14.23
N LEU C 162 -11.43 12.48 14.03
CA LEU C 162 -12.22 11.88 12.97
C LEU C 162 -11.84 12.48 11.63
N LEU C 163 -11.80 11.64 10.59
CA LEU C 163 -11.52 12.14 9.25
C LEU C 163 -12.82 12.26 8.48
N SER C 164 -12.80 13.02 7.38
CA SER C 164 -13.89 12.96 6.43
C SER C 164 -13.70 11.64 5.67
N ASN C 165 -14.78 10.97 5.31
CA ASN C 165 -14.60 9.80 4.46
C ASN C 165 -13.91 10.17 3.16
N THR C 166 -14.25 11.34 2.62
CA THR C 166 -13.54 11.83 1.44
C THR C 166 -12.04 11.97 1.75
N ASN C 167 -11.66 12.49 2.92
CA ASN C 167 -10.24 12.54 3.29
C ASN C 167 -9.66 11.16 3.42
N CYS C 168 -10.45 10.25 3.98
CA CYS C 168 -9.95 8.92 4.28
C CYS C 168 -9.68 8.15 2.99
N LYS C 169 -10.55 8.39 2.01
CA LYS C 169 -10.41 7.77 0.71
C LYS C 169 -9.12 8.20 0.04
N LYS C 170 -8.57 9.35 0.44
CA LYS C 170 -7.26 9.74 -0.08
C LYS C 170 -6.19 8.70 0.25
N TYR C 171 -6.30 8.07 1.43
CA TYR C 171 -5.32 7.05 1.83
C TYR C 171 -5.77 5.67 1.35
N TRP C 172 -6.98 5.27 1.70
CA TRP C 172 -7.43 3.89 1.53
C TRP C 172 -8.27 3.64 0.27
N GLY C 173 -8.71 4.69 -0.38
CA GLY C 173 -9.43 4.54 -1.63
C GLY C 173 -10.80 3.89 -1.46
N THR C 174 -11.17 3.04 -2.41
CA THR C 174 -12.53 2.53 -2.47
C THR C 174 -12.80 1.51 -1.37
N LYS C 175 -11.78 1.13 -0.61
CA LYS C 175 -12.03 0.31 0.57
C LYS C 175 -12.90 1.04 1.60
N ILE C 176 -12.96 2.37 1.52
CA ILE C 176 -13.75 3.13 2.49
C ILE C 176 -15.25 3.16 2.16
N LYS C 177 -16.02 2.28 2.80
CA LYS C 177 -17.46 2.23 2.61
C LYS C 177 -18.18 3.29 3.45
N ASP C 178 -19.46 3.53 3.15
CA ASP C 178 -20.26 4.54 3.84
C ASP C 178 -20.56 4.14 5.30
N ALA C 179 -20.56 2.83 5.55
CA ALA C 179 -20.74 2.30 6.90
C ALA C 179 -19.40 2.19 7.64
N MET C 180 -18.43 2.99 7.21
CA MET C 180 -17.12 3.07 7.85
C MET C 180 -16.81 4.50 8.28
N ILE C 181 -15.96 4.63 9.30
CA ILE C 181 -15.49 5.94 9.71
C ILE C 181 -14.00 5.84 10.04
N CYS C 182 -13.20 6.72 9.48
CA CYS C 182 -11.76 6.66 9.70
C CYS C 182 -11.38 7.65 10.78
N ALA C 183 -10.35 7.31 11.57
CA ALA C 183 -9.81 8.23 12.56
C ALA C 183 -8.31 7.97 12.80
N GLY C 184 -7.58 9.00 13.17
CA GLY C 184 -6.17 8.80 13.50
C GLY C 184 -5.23 9.45 12.49
N ALA C 185 -4.16 8.74 12.13
CA ALA C 185 -3.10 9.28 11.26
C ALA C 185 -2.49 10.53 11.86
N SER C 186 -2.50 10.60 13.18
CA SER C 186 -2.20 11.84 13.88
C SER C 186 -1.17 11.65 15.00
N GLY C 187 -0.35 10.62 14.89
CA GLY C 187 0.64 10.33 15.91
C GLY C 187 0.40 9.04 16.67
N VAL C 188 -0.80 8.47 16.53
CA VAL C 188 -1.17 7.24 17.23
C VAL C 188 -1.89 6.26 16.30
N SER C 189 -2.03 5.02 16.74
CA SER C 189 -2.70 4.03 15.91
C SER C 189 -3.30 2.89 16.72
N SER C 190 -4.57 2.58 16.44
CA SER C 190 -5.11 1.27 16.80
C SER C 190 -4.22 0.21 16.17
N CYS C 191 -4.12 -0.93 16.83
CA CYS C 191 -3.24 -1.99 16.39
C CYS C 191 -3.91 -3.35 16.61
N MET C 192 -3.22 -4.43 16.24
CA MET C 192 -3.76 -5.77 16.46
C MET C 192 -4.10 -5.98 17.93
N GLY C 193 -5.29 -6.53 18.17
CA GLY C 193 -5.74 -6.83 19.52
C GLY C 193 -6.73 -5.80 20.04
N ASP C 194 -6.77 -4.65 19.36
CA ASP C 194 -7.70 -3.58 19.68
C ASP C 194 -9.06 -3.81 19.02
N SER C 195 -9.09 -4.65 18.01
CA SER C 195 -10.31 -4.86 17.20
C SER C 195 -11.53 -5.19 18.01
N GLY C 196 -12.67 -4.65 17.60
CA GLY C 196 -13.92 -4.91 18.27
C GLY C 196 -14.11 -4.00 19.47
N GLY C 197 -13.07 -3.23 19.78
CA GLY C 197 -13.14 -2.21 20.81
C GLY C 197 -13.78 -0.93 20.31
N PRO C 198 -13.95 0.05 21.22
CA PRO C 198 -14.63 1.34 21.03
C PRO C 198 -13.80 2.46 20.41
N LEU C 199 -14.48 3.28 19.62
CA LEU C 199 -14.09 4.66 19.36
C LEU C 199 -15.27 5.47 19.82
N VAL C 200 -15.07 6.31 20.84
CA VAL C 200 -16.15 7.06 21.47
C VAL C 200 -15.90 8.54 21.32
N CYS C 201 -16.98 9.32 21.17
CA CYS C 201 -16.87 10.77 21.07
C CYS C 201 -17.78 11.43 22.09
N LYS C 202 -17.37 12.56 22.65
CA LYS C 202 -18.11 13.20 23.74
C LYS C 202 -19.15 14.16 23.18
N LYS C 203 -20.44 13.91 23.48
CA LYS C 203 -21.56 14.69 22.90
C LYS C 203 -22.57 15.22 23.91
N ASN C 204 -22.18 16.27 24.65
CA ASN C 204 -22.92 16.85 25.78
C ASN C 204 -22.61 16.10 27.05
N GLY C 205 -21.31 15.90 27.29
CA GLY C 205 -20.83 15.30 28.53
C GLY C 205 -20.90 13.79 28.63
N ALA C 206 -21.53 13.15 27.65
CA ALA C 206 -21.62 11.69 27.66
C ALA C 206 -20.85 11.08 26.48
N TRP C 207 -20.14 9.99 26.77
CA TRP C 207 -19.34 9.31 25.74
C TRP C 207 -20.23 8.42 24.88
N THR C 208 -20.13 8.61 23.57
CA THR C 208 -20.97 7.91 22.62
C THR C 208 -20.17 7.05 21.66
N LEU C 209 -20.56 5.79 21.51
CA LEU C 209 -19.89 4.91 20.56
C LEU C 209 -20.14 5.36 19.13
N VAL C 210 -19.11 5.94 18.52
CA VAL C 210 -19.20 6.37 17.12
C VAL C 210 -18.62 5.30 16.20
N GLY C 211 -17.65 4.55 16.72
CA GLY C 211 -16.90 3.61 15.89
C GLY C 211 -16.44 2.36 16.60
N ILE C 212 -16.18 1.30 15.85
CA ILE C 212 -15.68 0.05 16.40
C ILE C 212 -14.36 -0.27 15.72
N VAL C 213 -13.32 -0.54 16.53
CA VAL C 213 -12.00 -0.81 15.97
C VAL C 213 -12.14 -1.94 14.96
N SER C 214 -11.76 -1.65 13.73
CA SER C 214 -11.95 -2.62 12.66
C SER C 214 -10.64 -2.95 11.97
N TRP C 215 -10.13 -2.03 11.17
CA TRP C 215 -8.90 -2.32 10.45
C TRP C 215 -8.01 -1.09 10.32
N GLY C 216 -6.86 -1.27 9.67
CA GLY C 216 -5.94 -0.17 9.46
C GLY C 216 -4.61 -0.68 8.95
N SER C 217 -3.60 0.16 9.06
CA SER C 217 -2.25 -0.16 8.62
C SER C 217 -1.78 -1.51 9.14
N SER C 218 -1.25 -2.31 8.23
CA SER C 218 -0.70 -3.61 8.57
C SER C 218 0.43 -3.54 9.61
N THR C 219 1.10 -2.40 9.70
CA THR C 219 2.14 -2.22 10.71
C THR C 219 1.73 -1.22 11.79
N CYS C 220 0.44 -0.90 11.84
CA CYS C 220 -0.09 0.06 12.79
C CYS C 220 0.62 1.41 12.66
N SER C 221 0.88 1.83 11.42
CA SER C 221 1.49 3.12 11.15
C SER C 221 0.72 4.24 11.80
N THR C 222 1.42 5.11 12.51
CA THR C 222 0.79 6.22 13.19
C THR C 222 0.55 7.45 12.27
N SER C 223 0.91 7.31 11.01
CA SER C 223 0.63 8.37 10.03
C SER C 223 -0.54 7.96 9.15
N THR C 224 -1.08 6.78 9.43
CA THR C 224 -2.10 6.19 8.60
C THR C 224 -3.42 6.13 9.38
N PRO C 225 -4.54 6.50 8.74
CA PRO C 225 -5.81 6.51 9.49
C PRO C 225 -6.28 5.11 9.82
N GLY C 226 -6.70 4.89 11.05
CA GLY C 226 -7.44 3.70 11.39
C GLY C 226 -8.84 3.74 10.81
N VAL C 227 -9.42 2.56 10.60
CA VAL C 227 -10.75 2.47 10.05
C VAL C 227 -11.67 1.77 11.03
N TYR C 228 -12.81 2.39 11.26
CA TYR C 228 -13.73 1.94 12.26
C TYR C 228 -15.11 1.76 11.66
N ALA C 229 -15.80 0.75 12.14
CA ALA C 229 -17.21 0.57 11.79
C ALA C 229 -17.96 1.79 12.28
N ARG C 230 -18.67 2.45 11.36
CA ARG C 230 -19.42 3.66 11.68
C ARG C 230 -20.77 3.30 12.29
N VAL C 231 -20.90 3.53 13.60
CA VAL C 231 -22.04 3.01 14.36
C VAL C 231 -23.39 3.58 13.94
N THR C 232 -23.41 4.79 13.44
CA THR C 232 -24.68 5.40 13.08
C THR C 232 -25.36 4.61 11.96
N ALA C 233 -24.55 3.93 11.16
CA ALA C 233 -25.01 3.20 9.98
C ALA C 233 -25.45 1.79 10.35
N LEU C 234 -25.10 1.39 11.57
CA LEU C 234 -25.30 0.02 12.03
C LEU C 234 -26.18 -0.01 13.29
N VAL C 235 -26.52 1.18 13.79
CA VAL C 235 -27.20 1.28 15.07
C VAL C 235 -28.65 0.82 15.00
N ASN C 236 -29.31 1.04 13.86
CA ASN C 236 -30.68 0.60 13.73
C ASN C 236 -30.74 -0.91 13.78
N TRP C 237 -29.81 -1.57 13.07
CA TRP C 237 -29.69 -3.01 13.17
C TRP C 237 -29.41 -3.45 14.61
N VAL C 238 -28.55 -2.69 15.30
CA VAL C 238 -28.28 -3.01 16.69
C VAL C 238 -29.53 -2.98 17.55
N GLN C 239 -30.30 -1.91 17.47
CA GLN C 239 -31.43 -1.75 18.37
C GLN C 239 -32.57 -2.71 18.02
N GLN C 240 -32.68 -3.02 16.73
CA GLN C 240 -33.59 -4.05 16.26
C GLN C 240 -33.25 -5.41 16.86
N THR C 241 -31.96 -5.69 16.94
CA THR C 241 -31.48 -6.97 17.47
C THR C 241 -31.67 -7.15 18.97
N LEU C 242 -31.24 -6.14 19.74
CA LEU C 242 -31.56 -6.06 21.15
C LEU C 242 -33.09 -6.18 21.38
N ALA C 243 -33.90 -5.44 20.63
CA ALA C 243 -35.34 -5.42 20.87
C ALA C 243 -36.03 -6.76 20.61
N ALA C 244 -35.57 -7.49 19.61
CA ALA C 244 -36.22 -8.76 19.26
C ALA C 244 -35.64 -10.00 19.96
N ASN C 245 -34.50 -9.83 20.62
CA ASN C 245 -33.83 -10.98 21.23
C ASN C 245 -33.54 -10.73 22.70
N CYS D 1 -34.45 -14.06 -20.75
CA CYS D 1 -33.36 -13.11 -20.56
C CYS D 1 -33.77 -11.78 -21.14
N GLY D 2 -33.03 -10.73 -20.83
CA GLY D 2 -33.15 -9.47 -21.55
C GLY D 2 -34.22 -8.52 -21.09
N VAL D 3 -34.98 -8.91 -20.06
CA VAL D 3 -36.14 -8.12 -19.66
C VAL D 3 -36.08 -7.89 -18.15
N PRO D 4 -35.46 -6.79 -17.71
CA PRO D 4 -35.23 -6.57 -16.27
C PRO D 4 -36.55 -6.46 -15.51
N ALA D 5 -36.64 -7.09 -14.35
CA ALA D 5 -37.83 -6.95 -13.51
C ALA D 5 -38.05 -5.46 -13.23
N ILE D 6 -36.94 -4.74 -13.08
CA ILE D 6 -37.00 -3.29 -12.88
C ILE D 6 -36.62 -2.61 -14.19
N GLN D 7 -37.57 -1.90 -14.79
CA GLN D 7 -37.36 -1.37 -16.13
C GLN D 7 -36.41 -0.17 -16.18
N PRO D 8 -35.38 -0.25 -17.04
CA PRO D 8 -34.49 0.89 -17.23
C PRO D 8 -35.19 2.16 -17.74
N VAL D 9 -34.84 3.28 -17.14
CA VAL D 9 -35.32 4.59 -17.53
C VAL D 9 -34.16 5.33 -18.23
N LEU D 10 -34.34 5.70 -19.50
CA LEU D 10 -33.25 6.25 -20.31
C LEU D 10 -33.58 7.64 -20.88
N ILE D 16 -18.17 5.63 -17.40
CA ILE D 16 -18.88 6.28 -18.49
C ILE D 16 -18.86 7.81 -18.36
N VAL D 17 -18.24 8.50 -19.32
CA VAL D 17 -18.23 9.96 -19.32
C VAL D 17 -19.53 10.54 -19.88
N ASN D 18 -20.15 11.43 -19.12
CA ASN D 18 -21.35 12.15 -19.50
C ASN D 18 -22.55 11.21 -19.67
N GLY D 19 -22.62 10.20 -18.80
CA GLY D 19 -23.75 9.30 -18.78
C GLY D 19 -24.76 9.78 -17.76
N GLU D 20 -25.68 8.91 -17.36
CA GLU D 20 -26.66 9.25 -16.33
C GLU D 20 -26.69 8.16 -15.28
N GLU D 21 -27.07 8.51 -14.05
CA GLU D 21 -27.19 7.50 -13.02
C GLU D 21 -28.34 6.55 -13.43
N ALA D 22 -28.16 5.26 -13.18
CA ALA D 22 -29.18 4.31 -13.60
C ALA D 22 -30.18 4.09 -12.48
N VAL D 23 -31.40 3.73 -12.87
CA VAL D 23 -32.36 3.14 -11.93
C VAL D 23 -31.70 1.94 -11.25
N PRO D 24 -31.70 1.93 -9.90
CA PRO D 24 -31.12 0.81 -9.15
C PRO D 24 -31.69 -0.53 -9.61
N GLY D 25 -30.81 -1.48 -9.90
CA GLY D 25 -31.24 -2.82 -10.28
C GLY D 25 -31.81 -2.94 -11.68
N SER D 26 -31.90 -1.82 -12.41
CA SER D 26 -32.46 -1.84 -13.77
C SER D 26 -31.53 -2.52 -14.80
N TRP D 27 -30.32 -2.83 -14.39
CA TRP D 27 -29.43 -3.60 -15.27
C TRP D 27 -28.92 -4.82 -14.53
N PRO D 28 -29.82 -5.78 -14.27
CA PRO D 28 -29.57 -6.93 -13.41
C PRO D 28 -28.47 -7.87 -13.89
N TRP D 29 -28.01 -7.72 -15.13
CA TRP D 29 -26.89 -8.54 -15.62
C TRP D 29 -25.54 -7.85 -15.40
N GLN D 30 -25.58 -6.59 -14.99
CA GLN D 30 -24.32 -5.91 -14.74
C GLN D 30 -23.70 -6.48 -13.48
N VAL D 31 -22.62 -7.23 -13.61
CA VAL D 31 -21.89 -7.58 -12.42
C VAL D 31 -20.65 -6.70 -12.32
N SER D 32 -20.10 -6.64 -11.12
CA SER D 32 -18.82 -6.00 -10.91
C SER D 32 -17.76 -7.06 -10.61
N LEU D 33 -16.59 -6.94 -11.24
CA LEU D 33 -15.51 -7.87 -10.94
C LEU D 33 -14.55 -7.22 -9.94
N GLN D 34 -14.29 -7.90 -8.84
CA GLN D 34 -13.54 -7.31 -7.75
C GLN D 34 -12.50 -8.31 -7.28
N ASP D 35 -11.29 -7.82 -7.03
CA ASP D 35 -10.24 -8.67 -6.49
C ASP D 35 -10.59 -9.06 -5.06
N LYS D 36 -9.70 -9.79 -4.40
CA LYS D 36 -9.99 -10.31 -3.07
C LYS D 36 -10.12 -9.19 -2.05
N THR D 37 -9.53 -8.03 -2.36
CA THR D 37 -9.60 -6.89 -1.46
C THR D 37 -10.89 -6.09 -1.63
N GLY D 38 -11.68 -6.41 -2.65
CA GLY D 38 -12.89 -5.65 -2.90
C GLY D 38 -12.77 -4.61 -4.00
N PHE D 39 -11.56 -4.47 -4.53
CA PHE D 39 -11.34 -3.48 -5.58
C PHE D 39 -11.98 -3.86 -6.93
N HIS D 40 -12.94 -3.05 -7.37
CA HIS D 40 -13.56 -3.21 -8.68
C HIS D 40 -12.53 -2.87 -9.74
N PHE D 41 -12.26 -3.80 -10.65
CA PHE D 41 -11.30 -3.54 -11.73
C PHE D 41 -11.89 -3.70 -13.14
N CYS D 42 -13.15 -4.16 -13.19
CA CYS D 42 -13.82 -4.44 -14.45
C CYS D 42 -15.28 -4.72 -14.18
N GLY D 43 -16.12 -4.52 -15.19
CA GLY D 43 -17.49 -5.01 -15.17
C GLY D 43 -17.59 -6.38 -15.84
N GLY D 44 -18.80 -6.94 -15.85
CA GLY D 44 -19.09 -8.23 -16.48
C GLY D 44 -20.59 -8.37 -16.70
N SER D 45 -21.01 -9.39 -17.44
CA SER D 45 -22.46 -9.57 -17.68
C SER D 45 -22.87 -11.02 -17.47
N LEU D 46 -23.88 -11.22 -16.63
CA LEU D 46 -24.46 -12.55 -16.47
C LEU D 46 -25.21 -12.95 -17.74
N ILE D 47 -24.92 -14.14 -18.24
CA ILE D 47 -25.62 -14.72 -19.39
C ILE D 47 -26.54 -15.86 -18.94
N ASN D 48 -26.37 -16.29 -17.70
CA ASN D 48 -27.22 -17.29 -17.04
C ASN D 48 -26.78 -17.51 -15.60
N GLU D 49 -27.34 -18.53 -14.96
CA GLU D 49 -27.09 -18.78 -13.54
C GLU D 49 -25.62 -18.98 -13.16
N ASN D 50 -24.83 -19.53 -14.08
CA ASN D 50 -23.49 -19.97 -13.73
C ASN D 50 -22.39 -19.34 -14.57
N TRP D 51 -22.75 -18.38 -15.41
CA TRP D 51 -21.79 -17.82 -16.35
C TRP D 51 -21.80 -16.31 -16.47
N VAL D 52 -20.60 -15.75 -16.51
CA VAL D 52 -20.41 -14.32 -16.67
C VAL D 52 -19.52 -14.09 -17.89
N VAL D 53 -19.86 -13.10 -18.70
CA VAL D 53 -19.02 -12.72 -19.83
C VAL D 53 -18.36 -11.37 -19.52
N THR D 54 -17.08 -11.26 -19.81
CA THR D 54 -16.30 -10.07 -19.47
C THR D 54 -15.10 -9.96 -20.40
N ALA D 55 -14.30 -8.90 -20.24
CA ALA D 55 -13.19 -8.72 -21.18
C ALA D 55 -11.99 -9.60 -20.82
N ALA D 56 -11.34 -10.14 -21.84
CA ALA D 56 -10.14 -10.94 -21.60
C ALA D 56 -9.02 -10.13 -20.93
N HIS D 57 -8.91 -8.86 -21.29
CA HIS D 57 -7.79 -8.07 -20.78
C HIS D 57 -7.93 -7.79 -19.29
N CYS D 58 -9.12 -8.06 -18.75
CA CYS D 58 -9.37 -7.91 -17.32
C CYS D 58 -8.49 -8.85 -16.50
N GLY D 59 -8.02 -9.93 -17.13
CA GLY D 59 -7.10 -10.86 -16.49
C GLY D 59 -7.71 -11.53 -15.29
N VAL D 60 -9.00 -11.84 -15.38
CA VAL D 60 -9.71 -12.45 -14.25
C VAL D 60 -9.10 -13.80 -13.88
N THR D 61 -8.93 -14.03 -12.59
CA THR D 61 -8.51 -15.33 -12.10
C THR D 61 -9.53 -15.81 -11.10
N THR D 62 -9.39 -17.05 -10.67
CA THR D 62 -10.33 -17.65 -9.73
C THR D 62 -10.06 -17.21 -8.29
N SER D 63 -9.20 -16.20 -8.11
CA SER D 63 -9.04 -15.57 -6.81
C SER D 63 -9.92 -14.33 -6.74
N ASP D 64 -10.41 -13.89 -7.89
CA ASP D 64 -11.32 -12.74 -7.99
C ASP D 64 -12.78 -13.16 -7.83
N VAL D 65 -13.63 -12.16 -7.64
CA VAL D 65 -15.01 -12.36 -7.19
C VAL D 65 -15.95 -11.65 -8.14
N VAL D 66 -17.05 -12.33 -8.49
CA VAL D 66 -18.14 -11.74 -9.25
C VAL D 66 -19.16 -11.15 -8.28
N VAL D 67 -19.43 -9.86 -8.39
CA VAL D 67 -20.43 -9.26 -7.54
C VAL D 67 -21.64 -8.86 -8.36
N ALA D 68 -22.79 -9.42 -7.99
CA ALA D 68 -24.04 -9.15 -8.69
C ALA D 68 -25.04 -8.54 -7.74
N GLY D 69 -25.82 -7.59 -8.24
CA GLY D 69 -26.86 -6.97 -7.44
C GLY D 69 -26.49 -5.59 -6.92
N GLU D 70 -25.23 -5.19 -7.10
CA GLU D 70 -24.82 -3.87 -6.63
C GLU D 70 -25.44 -2.77 -7.49
N PHE D 71 -25.69 -1.64 -6.84
CA PHE D 71 -26.01 -0.42 -7.52
C PHE D 71 -24.98 0.60 -7.03
N ASP D 72 -24.88 0.76 -5.72
CA ASP D 72 -23.95 1.69 -5.09
C ASP D 72 -22.80 0.92 -4.46
N GLN D 73 -21.61 1.02 -5.04
CA GLN D 73 -20.45 0.32 -4.49
C GLN D 73 -19.92 0.87 -3.17
N GLY D 74 -20.41 2.04 -2.77
CA GLY D 74 -20.03 2.60 -1.48
C GLY D 74 -21.01 2.19 -0.39
N SER D 75 -22.21 1.79 -0.79
CA SER D 75 -23.19 1.34 0.19
C SER D 75 -22.90 -0.10 0.60
N SER D 76 -23.51 -0.52 1.71
CA SER D 76 -23.35 -1.89 2.18
C SER D 76 -24.70 -2.40 2.64
N SER D 77 -25.73 -1.59 2.40
CA SER D 77 -27.09 -1.94 2.75
C SER D 77 -27.78 -2.61 1.58
N GLU D 78 -27.00 -3.04 0.59
CA GLU D 78 -27.57 -3.62 -0.62
C GLU D 78 -27.55 -5.15 -0.58
N LYS D 79 -28.68 -5.76 -0.95
CA LYS D 79 -28.79 -7.20 -1.07
C LYS D 79 -27.96 -7.79 -2.22
N ILE D 80 -26.66 -7.77 -2.11
CA ILE D 80 -25.82 -8.22 -3.21
C ILE D 80 -25.42 -9.67 -3.03
N GLN D 81 -24.78 -10.24 -4.05
CA GLN D 81 -24.24 -11.58 -3.99
C GLN D 81 -22.78 -11.58 -4.41
N LYS D 82 -21.93 -12.16 -3.56
CA LYS D 82 -20.55 -12.35 -3.95
C LYS D 82 -20.37 -13.79 -4.38
N LEU D 83 -20.04 -13.95 -5.65
CA LEU D 83 -20.00 -15.24 -6.29
C LEU D 83 -18.56 -15.62 -6.61
N LYS D 84 -18.17 -16.80 -6.19
CA LYS D 84 -16.82 -17.28 -6.45
C LYS D 84 -16.71 -17.79 -7.87
N ILE D 85 -15.49 -17.77 -8.40
CA ILE D 85 -15.27 -18.16 -9.78
C ILE D 85 -14.62 -19.53 -9.85
N ALA D 86 -15.33 -20.49 -10.44
CA ALA D 86 -14.81 -21.85 -10.55
C ALA D 86 -13.71 -21.92 -11.62
N LYS D 87 -14.07 -21.52 -12.85
CA LYS D 87 -13.18 -21.65 -13.98
C LYS D 87 -13.12 -20.35 -14.78
N VAL D 88 -12.02 -20.15 -15.50
CA VAL D 88 -11.80 -18.97 -16.31
C VAL D 88 -11.52 -19.41 -17.75
N PHE D 89 -12.24 -18.83 -18.70
CA PHE D 89 -12.12 -19.24 -20.09
C PHE D 89 -11.76 -18.05 -20.96
N LYS D 90 -10.50 -17.96 -21.36
CA LYS D 90 -10.04 -16.84 -22.13
C LYS D 90 -10.01 -17.22 -23.60
N ASN D 91 -10.59 -16.38 -24.44
CA ASN D 91 -10.56 -16.61 -25.88
C ASN D 91 -9.13 -16.66 -26.37
N SER D 92 -8.75 -17.75 -27.01
CA SER D 92 -7.38 -17.94 -27.49
C SER D 92 -7.29 -17.68 -28.98
N LYS D 93 -8.14 -16.78 -29.47
CA LYS D 93 -8.02 -16.31 -30.84
C LYS D 93 -7.87 -14.79 -30.87
N ILE D 99 -7.67 -9.72 -26.65
CA ILE D 99 -6.33 -9.53 -27.21
C ILE D 99 -5.65 -10.84 -27.62
N ASN D 100 -6.22 -11.58 -28.58
CA ASN D 100 -7.23 -11.07 -29.48
C ASN D 100 -8.60 -11.66 -29.22
N ASN D 101 -9.60 -10.91 -29.64
CA ASN D 101 -10.96 -11.05 -29.11
C ASN D 101 -10.87 -10.89 -27.62
N ASP D 102 -11.13 -9.67 -27.20
CA ASP D 102 -11.12 -9.32 -25.81
C ASP D 102 -12.36 -9.90 -25.12
N ILE D 103 -12.46 -11.22 -25.08
CA ILE D 103 -13.58 -11.86 -24.42
C ILE D 103 -13.11 -13.01 -23.54
N THR D 104 -13.73 -13.12 -22.37
CA THR D 104 -13.40 -14.13 -21.38
C THR D 104 -14.68 -14.59 -20.69
N LEU D 105 -14.82 -15.89 -20.51
CA LEU D 105 -15.96 -16.44 -19.80
C LEU D 105 -15.52 -16.87 -18.41
N LEU D 106 -16.42 -16.64 -17.46
CA LEU D 106 -16.22 -17.03 -16.08
C LEU D 106 -17.31 -18.00 -15.70
N LYS D 107 -16.91 -19.20 -15.24
CA LYS D 107 -17.88 -20.12 -14.69
C LYS D 107 -17.90 -20.01 -13.18
N LEU D 108 -19.08 -19.77 -12.63
CA LEU D 108 -19.20 -19.58 -11.18
C LEU D 108 -19.28 -20.90 -10.42
N SER D 109 -18.70 -20.90 -9.22
CA SER D 109 -18.63 -22.09 -8.39
C SER D 109 -20.01 -22.51 -7.90
N THR D 110 -20.85 -21.51 -7.61
CA THR D 110 -22.24 -21.77 -7.26
C THR D 110 -23.16 -20.82 -8.05
N ALA D 111 -24.32 -21.33 -8.45
CA ALA D 111 -25.25 -20.56 -9.28
C ALA D 111 -25.52 -19.19 -8.65
N ALA D 112 -25.83 -18.18 -9.46
CA ALA D 112 -26.35 -16.93 -8.95
C ALA D 112 -27.84 -17.14 -8.77
N SER D 113 -28.41 -16.58 -7.70
CA SER D 113 -29.85 -16.65 -7.52
C SER D 113 -30.47 -15.42 -8.17
N PHE D 114 -31.35 -15.67 -9.13
CA PHE D 114 -31.95 -14.60 -9.91
C PHE D 114 -33.10 -13.93 -9.18
N SER D 115 -33.14 -12.61 -9.27
CA SER D 115 -34.15 -11.85 -8.56
C SER D 115 -34.49 -10.63 -9.39
N GLN D 116 -35.24 -9.74 -8.77
CA GLN D 116 -35.50 -8.41 -9.31
C GLN D 116 -34.22 -7.75 -9.80
N THR D 117 -33.16 -7.84 -9.01
CA THR D 117 -31.95 -7.10 -9.32
C THR D 117 -30.82 -7.97 -9.89
N VAL D 118 -31.10 -9.27 -10.05
CA VAL D 118 -30.13 -10.20 -10.64
C VAL D 118 -30.83 -11.12 -11.66
N SER D 119 -30.44 -10.99 -12.92
CA SER D 119 -30.96 -11.84 -13.98
C SER D 119 -30.03 -11.71 -15.17
N ALA D 120 -30.35 -12.40 -16.27
CA ALA D 120 -29.40 -12.52 -17.35
C ALA D 120 -29.68 -11.64 -18.57
N VAL D 121 -28.61 -11.29 -19.27
CA VAL D 121 -28.73 -10.60 -20.55
C VAL D 121 -28.89 -11.66 -21.64
N CYS D 122 -29.57 -11.34 -22.73
CA CYS D 122 -29.66 -12.29 -23.86
C CYS D 122 -28.38 -12.25 -24.69
N LEU D 123 -27.93 -13.43 -25.13
CA LEU D 123 -26.86 -13.53 -26.12
C LEU D 123 -27.50 -13.49 -27.50
N PRO D 124 -26.86 -12.79 -28.45
CA PRO D 124 -27.36 -12.72 -29.83
C PRO D 124 -27.14 -14.02 -30.57
N SER D 125 -27.78 -14.15 -31.73
CA SER D 125 -27.39 -15.24 -32.62
C SER D 125 -26.27 -14.64 -33.44
N ALA D 126 -25.28 -15.46 -33.79
CA ALA D 126 -24.14 -14.97 -34.58
C ALA D 126 -24.58 -14.27 -35.86
N SER D 127 -25.75 -14.66 -36.38
CA SER D 127 -26.30 -14.06 -37.58
C SER D 127 -27.06 -12.74 -37.34
N ASP D 128 -27.26 -12.37 -36.07
CA ASP D 128 -28.01 -11.16 -35.75
C ASP D 128 -27.43 -9.88 -36.37
N ASP D 129 -28.34 -9.00 -36.78
CA ASP D 129 -28.00 -7.73 -37.40
C ASP D 129 -28.35 -6.55 -36.48
N PHE D 130 -27.34 -6.06 -35.79
CA PHE D 130 -27.49 -4.81 -35.06
C PHE D 130 -26.83 -3.78 -35.92
N ALA D 131 -27.63 -3.07 -36.71
CA ALA D 131 -27.12 -2.23 -37.78
C ALA D 131 -26.51 -0.94 -37.26
N ALA D 132 -25.51 -0.41 -37.95
CA ALA D 132 -24.92 0.87 -37.59
C ALA D 132 -26.01 1.93 -37.44
N GLY D 133 -25.91 2.75 -36.39
CA GLY D 133 -26.88 3.80 -36.15
C GLY D 133 -27.96 3.45 -35.12
N THR D 134 -28.10 2.16 -34.83
CA THR D 134 -29.01 1.72 -33.77
C THR D 134 -28.54 2.30 -32.42
N THR D 135 -29.45 2.98 -31.72
CA THR D 135 -29.15 3.49 -30.39
C THR D 135 -29.18 2.38 -29.34
N CYS D 136 -28.00 1.99 -28.88
CA CYS D 136 -27.89 0.99 -27.85
C CYS D 136 -27.49 1.64 -26.52
N VAL D 137 -27.25 0.82 -25.49
CA VAL D 137 -26.96 1.37 -24.16
C VAL D 137 -25.73 0.70 -23.61
N THR D 138 -24.87 1.47 -22.97
CA THR D 138 -23.76 0.85 -22.25
C THR D 138 -23.85 1.25 -20.79
N THR D 139 -23.39 0.38 -19.90
CA THR D 139 -23.44 0.63 -18.44
C THR D 139 -22.14 0.27 -17.71
N GLY D 140 -21.97 0.78 -16.49
CA GLY D 140 -20.81 0.40 -15.69
C GLY D 140 -20.41 1.41 -14.62
N TRP D 141 -19.35 1.09 -13.88
CA TRP D 141 -18.82 2.02 -12.88
C TRP D 141 -17.51 2.70 -13.31
N GLY D 142 -17.34 2.90 -14.61
CA GLY D 142 -16.13 3.52 -15.13
C GLY D 142 -16.11 5.00 -14.79
N LEU D 143 -14.98 5.67 -15.04
CA LEU D 143 -14.88 7.09 -14.70
C LEU D 143 -15.98 7.87 -15.39
N THR D 144 -16.54 8.84 -14.67
CA THR D 144 -17.51 9.75 -15.26
C THR D 144 -16.80 10.99 -15.79
N ARG D 145 -15.49 11.05 -15.55
CA ARG D 145 -14.72 12.29 -15.72
C ARG D 145 -13.23 11.93 -15.67
N TYR D 146 -12.52 12.18 -16.77
CA TYR D 146 -11.16 11.67 -16.93
C TYR D 146 -10.12 12.21 -15.95
N ASN D 150 -11.79 9.13 -9.81
CA ASN D 150 -13.03 9.78 -10.23
C ASN D 150 -14.13 8.74 -10.33
N THR D 151 -13.89 7.56 -9.77
CA THR D 151 -14.78 6.41 -9.97
C THR D 151 -16.09 6.47 -9.17
N PRO D 152 -17.23 6.48 -9.91
CA PRO D 152 -18.54 6.61 -9.27
C PRO D 152 -18.89 5.39 -8.43
N ASP D 153 -19.61 5.61 -7.33
CA ASP D 153 -20.06 4.54 -6.45
C ASP D 153 -21.23 3.86 -7.15
N ARG D 154 -22.06 4.69 -7.76
CA ARG D 154 -23.33 4.24 -8.33
C ARG D 154 -23.30 3.94 -9.83
N LEU D 155 -23.84 2.79 -10.21
CA LEU D 155 -23.90 2.34 -11.60
C LEU D 155 -24.39 3.39 -12.59
N GLN D 156 -23.58 3.66 -13.63
CA GLN D 156 -23.95 4.64 -14.65
C GLN D 156 -24.42 3.98 -15.95
N GLN D 157 -25.15 4.73 -16.77
CA GLN D 157 -25.63 4.22 -18.05
C GLN D 157 -25.61 5.31 -19.09
N ALA D 158 -25.54 4.93 -20.37
CA ALA D 158 -25.63 5.90 -21.45
C ALA D 158 -26.19 5.29 -22.75
N SER D 159 -26.95 6.10 -23.48
CA SER D 159 -27.39 5.73 -24.81
C SER D 159 -26.37 6.24 -25.82
N LEU D 160 -26.15 5.47 -26.89
CA LEU D 160 -25.10 5.76 -27.86
C LEU D 160 -25.31 4.87 -29.07
N PRO D 161 -24.96 5.38 -30.27
CA PRO D 161 -25.22 4.63 -31.50
C PRO D 161 -24.08 3.71 -31.93
N LEU D 162 -24.42 2.60 -32.55
CA LEU D 162 -23.41 1.73 -33.10
C LEU D 162 -22.79 2.40 -34.32
N LEU D 163 -21.49 2.19 -34.54
CA LEU D 163 -20.87 2.68 -35.75
C LEU D 163 -20.68 1.52 -36.70
N SER D 164 -20.60 1.80 -37.99
CA SER D 164 -20.19 0.76 -38.93
C SER D 164 -18.67 0.66 -38.76
N ASN D 165 -18.13 -0.50 -39.09
CA ASN D 165 -16.69 -0.66 -38.97
C ASN D 165 -15.92 0.27 -39.92
N THR D 166 -16.48 0.48 -41.11
CA THR D 166 -15.90 1.45 -42.04
C THR D 166 -15.82 2.84 -41.41
N ASN D 167 -16.93 3.31 -40.85
CA ASN D 167 -16.95 4.63 -40.22
C ASN D 167 -16.04 4.69 -39.00
N CYS D 168 -15.91 3.57 -38.30
CA CYS D 168 -15.01 3.53 -37.15
C CYS D 168 -13.52 3.69 -37.51
N LYS D 169 -13.08 2.95 -38.53
CA LYS D 169 -11.70 3.04 -39.01
C LYS D 169 -11.25 4.46 -39.36
N LYS D 170 -12.20 5.38 -39.44
CA LYS D 170 -11.86 6.76 -39.72
C LYS D 170 -11.18 7.39 -38.50
N TYR D 171 -11.43 6.83 -37.32
CA TYR D 171 -10.73 7.31 -36.11
C TYR D 171 -9.58 6.38 -35.76
N TRP D 172 -9.81 5.07 -35.88
CA TRP D 172 -8.87 4.09 -35.32
C TRP D 172 -8.02 3.31 -36.33
N GLY D 173 -8.33 3.47 -37.62
CA GLY D 173 -7.55 2.85 -38.69
C GLY D 173 -7.57 1.33 -38.77
N THR D 174 -6.40 0.72 -38.82
CA THR D 174 -6.31 -0.72 -39.02
C THR D 174 -6.62 -1.50 -37.75
N LYS D 175 -6.72 -0.79 -36.63
CA LYS D 175 -7.03 -1.44 -35.34
C LYS D 175 -8.40 -2.14 -35.26
N ILE D 176 -9.41 -1.58 -35.91
CA ILE D 176 -10.77 -2.11 -35.75
C ILE D 176 -10.93 -3.39 -36.56
N LYS D 177 -10.89 -4.53 -35.89
CA LYS D 177 -11.02 -5.84 -36.55
C LYS D 177 -12.50 -6.19 -36.73
N ASP D 178 -12.80 -7.16 -37.56
CA ASP D 178 -14.18 -7.50 -37.87
C ASP D 178 -14.90 -8.04 -36.63
N ALA D 179 -14.16 -8.68 -35.74
CA ALA D 179 -14.75 -9.12 -34.49
C ALA D 179 -14.88 -8.02 -33.44
N MET D 180 -14.67 -6.75 -33.82
CA MET D 180 -14.95 -5.62 -32.93
C MET D 180 -16.08 -4.77 -33.47
N ILE D 181 -16.72 -4.00 -32.58
CA ILE D 181 -17.78 -3.07 -32.96
C ILE D 181 -17.58 -1.76 -32.20
N CYS D 182 -17.79 -0.64 -32.88
CA CYS D 182 -17.61 0.64 -32.25
C CYS D 182 -18.95 1.30 -32.00
N ALA D 183 -19.05 1.91 -30.83
CA ALA D 183 -20.25 2.63 -30.45
C ALA D 183 -19.87 3.94 -29.76
N GLY D 184 -20.71 4.95 -29.92
CA GLY D 184 -20.46 6.23 -29.32
C GLY D 184 -20.08 7.31 -30.31
N ALA D 185 -19.04 8.06 -29.96
CA ALA D 185 -18.65 9.28 -30.66
C ALA D 185 -19.80 10.28 -30.65
N SER D 186 -20.62 10.21 -29.61
CA SER D 186 -21.87 10.97 -29.60
C SER D 186 -22.06 11.90 -28.39
N GLY D 187 -20.98 12.22 -27.68
CA GLY D 187 -21.09 13.06 -26.49
C GLY D 187 -21.07 12.26 -25.19
N VAL D 188 -20.93 10.94 -25.31
CA VAL D 188 -20.73 10.05 -24.17
C VAL D 188 -19.57 9.16 -24.55
N SER D 189 -18.99 8.48 -23.57
CA SER D 189 -17.93 7.54 -23.87
C SER D 189 -17.72 6.55 -22.73
N SER D 190 -17.32 5.33 -23.08
CA SER D 190 -16.90 4.37 -22.08
C SER D 190 -15.55 4.88 -21.56
N CYS D 191 -15.12 4.41 -20.40
CA CYS D 191 -13.93 4.97 -19.76
C CYS D 191 -13.32 3.94 -18.82
N MET D 192 -12.14 4.24 -18.25
CA MET D 192 -11.46 3.31 -17.34
C MET D 192 -12.40 2.83 -16.26
N GLY D 193 -12.41 1.51 -16.00
CA GLY D 193 -13.36 0.93 -15.06
C GLY D 193 -14.59 0.30 -15.71
N ASP D 194 -14.94 0.78 -16.89
CA ASP D 194 -16.07 0.22 -17.62
C ASP D 194 -15.76 -1.13 -18.28
N SER D 195 -14.49 -1.44 -18.53
CA SER D 195 -14.09 -2.63 -19.27
C SER D 195 -14.77 -3.95 -18.86
N GLY D 196 -15.04 -4.80 -19.84
CA GLY D 196 -15.69 -6.08 -19.56
C GLY D 196 -17.20 -5.99 -19.41
N GLY D 197 -17.68 -4.77 -19.19
CA GLY D 197 -19.11 -4.51 -19.06
C GLY D 197 -19.86 -4.56 -20.38
N PRO D 198 -21.19 -4.41 -20.31
CA PRO D 198 -22.09 -4.62 -21.45
C PRO D 198 -22.34 -3.38 -22.30
N LEU D 199 -22.39 -3.60 -23.60
CA LEU D 199 -23.12 -2.72 -24.49
C LEU D 199 -24.28 -3.57 -25.04
N VAL D 200 -25.52 -3.14 -24.78
CA VAL D 200 -26.68 -3.90 -25.15
C VAL D 200 -27.60 -3.12 -26.08
N CYS D 201 -28.26 -3.83 -26.99
CA CYS D 201 -29.24 -3.22 -27.89
C CYS D 201 -30.57 -3.96 -27.79
N LYS D 202 -31.66 -3.23 -27.98
CA LYS D 202 -32.98 -3.84 -27.96
C LYS D 202 -33.22 -4.67 -29.21
N LYS D 203 -33.42 -5.97 -29.02
CA LYS D 203 -33.70 -6.87 -30.12
C LYS D 203 -34.97 -7.66 -29.79
N ASN D 204 -36.00 -7.43 -30.60
CA ASN D 204 -37.31 -8.03 -30.37
C ASN D 204 -37.79 -7.88 -28.93
N GLY D 205 -37.79 -6.65 -28.44
CA GLY D 205 -38.20 -6.37 -27.07
C GLY D 205 -37.30 -6.89 -25.95
N ALA D 206 -36.15 -7.48 -26.28
CA ALA D 206 -35.23 -7.99 -25.26
C ALA D 206 -33.79 -7.46 -25.37
N TRP D 207 -33.22 -7.05 -24.23
CA TRP D 207 -31.85 -6.53 -24.17
C TRP D 207 -30.83 -7.61 -24.46
N THR D 208 -30.05 -7.40 -25.51
CA THR D 208 -29.15 -8.43 -26.01
C THR D 208 -27.72 -7.92 -26.07
N LEU D 209 -26.78 -8.73 -25.63
CA LEU D 209 -25.39 -8.32 -25.51
C LEU D 209 -24.72 -8.22 -26.86
N VAL D 210 -24.46 -6.99 -27.31
CA VAL D 210 -23.86 -6.77 -28.61
C VAL D 210 -22.38 -6.44 -28.48
N GLY D 211 -22.01 -5.80 -27.38
CA GLY D 211 -20.62 -5.46 -27.14
C GLY D 211 -20.08 -5.81 -25.76
N ILE D 212 -18.77 -6.02 -25.69
CA ILE D 212 -18.09 -6.06 -24.40
C ILE D 212 -17.09 -4.91 -24.39
N VAL D 213 -17.27 -4.00 -23.43
CA VAL D 213 -16.43 -2.80 -23.31
C VAL D 213 -14.98 -3.23 -23.37
N SER D 214 -14.24 -2.72 -24.34
CA SER D 214 -12.88 -3.15 -24.56
C SER D 214 -11.89 -2.01 -24.43
N TRP D 215 -11.93 -1.06 -25.37
CA TRP D 215 -10.93 0.01 -25.41
C TRP D 215 -11.43 1.28 -26.09
N GLY D 216 -10.59 2.31 -26.10
CA GLY D 216 -10.96 3.60 -26.66
C GLY D 216 -9.98 4.70 -26.27
N SER D 217 -10.38 5.96 -26.50
CA SER D 217 -9.57 7.14 -26.22
C SER D 217 -8.89 7.16 -24.86
N SER D 218 -7.58 7.39 -24.90
CA SER D 218 -6.76 7.61 -23.72
C SER D 218 -7.38 8.59 -22.73
N THR D 219 -8.24 9.48 -23.22
CA THR D 219 -8.89 10.50 -22.37
C THR D 219 -10.41 10.34 -22.34
N CYS D 220 -10.92 9.22 -22.84
CA CYS D 220 -12.36 8.99 -22.90
C CYS D 220 -13.11 10.14 -23.59
N SER D 221 -12.48 10.73 -24.61
CA SER D 221 -13.10 11.80 -25.39
C SER D 221 -14.49 11.46 -25.92
N THR D 222 -15.47 12.27 -25.58
CA THR D 222 -16.83 12.01 -26.05
C THR D 222 -17.06 12.08 -27.60
N SER D 223 -16.05 12.52 -28.35
CA SER D 223 -16.17 12.63 -29.80
C SER D 223 -15.36 11.55 -30.51
N THR D 224 -14.88 10.57 -29.75
CA THR D 224 -14.19 9.40 -30.29
C THR D 224 -14.92 8.10 -29.94
N PRO D 225 -15.13 7.22 -30.93
CA PRO D 225 -15.86 5.98 -30.69
C PRO D 225 -15.12 5.02 -29.76
N GLY D 226 -15.86 4.42 -28.83
CA GLY D 226 -15.28 3.41 -27.97
C GLY D 226 -15.37 2.12 -28.75
N VAL D 227 -14.50 1.16 -28.43
CA VAL D 227 -14.42 -0.09 -29.16
C VAL D 227 -14.78 -1.28 -28.30
N TYR D 228 -15.62 -2.16 -28.85
CA TYR D 228 -16.18 -3.27 -28.11
C TYR D 228 -15.96 -4.57 -28.84
N ALA D 229 -15.76 -5.64 -28.09
CA ALA D 229 -15.70 -6.96 -28.69
C ALA D 229 -17.06 -7.27 -29.32
N ARG D 230 -17.08 -7.54 -30.62
CA ARG D 230 -18.35 -7.77 -31.31
C ARG D 230 -18.94 -9.13 -30.91
N VAL D 231 -19.98 -9.10 -30.10
CA VAL D 231 -20.52 -10.34 -29.50
C VAL D 231 -21.04 -11.37 -30.52
N THR D 232 -21.67 -10.91 -31.59
CA THR D 232 -22.13 -11.82 -32.65
C THR D 232 -20.98 -12.66 -33.20
N ALA D 233 -19.81 -12.04 -33.32
CA ALA D 233 -18.68 -12.69 -33.92
C ALA D 233 -18.06 -13.69 -32.95
N LEU D 234 -18.43 -13.58 -31.68
CA LEU D 234 -17.78 -14.37 -30.64
C LEU D 234 -18.70 -15.36 -29.99
N VAL D 235 -19.97 -15.33 -30.36
CA VAL D 235 -20.97 -16.05 -29.59
C VAL D 235 -20.90 -17.56 -29.78
N ASN D 236 -20.40 -17.99 -30.94
CA ASN D 236 -20.26 -19.42 -31.16
C ASN D 236 -19.18 -19.97 -30.27
N TRP D 237 -18.11 -19.20 -30.14
CA TRP D 237 -17.07 -19.50 -29.19
C TRP D 237 -17.64 -19.63 -27.78
N VAL D 238 -18.50 -18.68 -27.40
CA VAL D 238 -19.17 -18.76 -26.10
C VAL D 238 -19.99 -20.06 -25.96
N GLN D 239 -20.84 -20.34 -26.94
CA GLN D 239 -21.68 -21.53 -26.90
C GLN D 239 -20.88 -22.82 -26.80
N GLN D 240 -19.81 -22.91 -27.61
CA GLN D 240 -18.91 -24.06 -27.57
C GLN D 240 -18.37 -24.24 -26.16
N THR D 241 -17.97 -23.14 -25.54
CA THR D 241 -17.44 -23.16 -24.19
C THR D 241 -18.49 -23.63 -23.20
N LEU D 242 -19.71 -23.14 -23.34
CA LEU D 242 -20.79 -23.57 -22.45
C LEU D 242 -21.12 -25.05 -22.63
N ALA D 243 -21.08 -25.54 -23.86
CA ALA D 243 -21.47 -26.94 -24.10
C ALA D 243 -20.45 -27.93 -23.52
N ALA D 244 -19.17 -27.57 -23.56
CA ALA D 244 -18.14 -28.49 -23.09
C ALA D 244 -17.83 -28.30 -21.60
N ASN D 245 -18.64 -27.50 -20.91
CA ASN D 245 -18.40 -27.19 -19.50
C ASN D 245 -19.65 -27.16 -18.64
#